data_7DIB
#
_entry.id   7DIB
#
_cell.length_a   70.965
_cell.length_b   178.051
_cell.length_c   65.458
_cell.angle_alpha   90.000
_cell.angle_beta   90.000
_cell.angle_gamma   90.000
#
_symmetry.space_group_name_H-M   'P 21 21 2'
#
loop_
_entity.id
_entity.type
_entity.pdbx_description
1 polymer 'D-threonine aldolase'
2 water water
#
_entity_poly.entity_id   1
_entity_poly.type   'polypeptide(L)'
_entity_poly.pdbx_seq_one_letter_code
;MGSSHHHHHHSSGLVPRGSHMRAPARLGIPLADVDTPALILDLDAFERNLQTMADWAKSKNVRLRPHA(LLP)SHKCPAI
AHRQMALGAVGVCCQKVSEAEVMVDAGITNVLISNEVVGRTKLEALAQLALRARMGVCVDDIRQIRDLSEAMHAAGATID
VLVEINIGGNRCGVEPGDPAVRLGAAVAQADGLRFAGLQSYDGITQHVRDPDERKARAARAGDVTAQTIAALRDIGLECE
TVGGAGTGSFAFDGMSGVWNELQPGSYAFMDADYARNTPAGGDVPKFEHAMFVWAIVMSRTSVGQAVVDAGHKVLPIDSG
MPVPFDRPGVRYERPSDEHGCLVAELDSALPDLGEKILIVPSHVDPTANQHDFFIGVRGMAEGDGTVQEIWPVTARGCVF
;
_entity_poly.pdbx_strand_id   A,B
#
# COMPACT_ATOMS: atom_id res chain seq x y z
N MET A 21 -11.59 9.39 -10.65
CA MET A 21 -10.12 9.35 -10.40
C MET A 21 -9.42 9.77 -11.69
N ARG A 22 -8.72 10.90 -11.69
CA ARG A 22 -8.18 11.42 -12.98
C ARG A 22 -6.77 10.91 -13.24
N ALA A 23 -6.52 10.42 -14.45
CA ALA A 23 -5.19 9.91 -14.82
C ALA A 23 -4.17 11.04 -14.92
N PRO A 24 -2.87 10.76 -14.73
CA PRO A 24 -1.83 11.76 -14.89
C PRO A 24 -1.25 11.84 -16.32
N ALA A 25 -2.05 11.47 -17.31
CA ALA A 25 -1.66 11.53 -18.73
C ALA A 25 -2.88 11.56 -19.63
N ARG A 26 -2.62 11.86 -20.90
CA ARG A 26 -3.57 11.85 -22.03
C ARG A 26 -2.90 11.08 -23.17
N LEU A 27 -3.65 10.50 -24.12
CA LEU A 27 -2.99 9.76 -25.23
C LEU A 27 -2.17 10.77 -26.04
N GLY A 28 -0.93 10.45 -26.39
CA GLY A 28 -0.13 11.23 -27.34
C GLY A 28 0.97 12.06 -26.70
N ILE A 29 0.78 12.53 -25.45
CA ILE A 29 1.75 13.45 -24.78
C ILE A 29 3.06 12.68 -24.57
N PRO A 30 4.23 13.35 -24.52
CA PRO A 30 5.48 12.65 -24.21
C PRO A 30 5.50 12.21 -22.73
N LEU A 31 6.51 11.43 -22.37
CA LEU A 31 6.69 10.91 -20.98
C LEU A 31 6.91 12.11 -20.04
N ALA A 32 7.74 13.09 -20.45
CA ALA A 32 8.20 14.24 -19.65
C ALA A 32 7.01 15.06 -19.10
N ASP A 33 5.83 14.97 -19.72
CA ASP A 33 4.60 15.71 -19.34
C ASP A 33 3.64 14.83 -18.49
N VAL A 34 3.94 13.55 -18.31
CA VAL A 34 3.16 12.64 -17.40
C VAL A 34 3.39 13.12 -15.96
N ASP A 35 2.31 13.42 -15.23
CA ASP A 35 2.38 13.93 -13.85
C ASP A 35 2.90 12.82 -12.93
N THR A 36 3.40 13.20 -11.74
CA THR A 36 4.17 12.29 -10.85
C THR A 36 3.51 12.20 -9.48
N PRO A 37 3.66 11.08 -8.75
CA PRO A 37 4.25 9.84 -9.29
C PRO A 37 3.24 9.01 -10.08
N ALA A 38 3.65 8.43 -11.21
CA ALA A 38 2.78 7.58 -12.06
C ALA A 38 3.38 6.18 -12.19
N LEU A 39 2.55 5.22 -12.59
CA LEU A 39 2.96 3.83 -12.89
C LEU A 39 3.16 3.70 -14.40
N ILE A 40 4.40 3.60 -14.83
CA ILE A 40 4.79 3.56 -16.25
C ILE A 40 4.98 2.10 -16.63
N LEU A 41 4.42 1.72 -17.80
CA LEU A 41 4.57 0.39 -18.45
C LEU A 41 5.31 0.60 -19.76
N ASP A 42 6.54 0.12 -19.86
CA ASP A 42 7.28 0.17 -21.14
C ASP A 42 6.58 -0.86 -22.04
N LEU A 43 5.63 -0.42 -22.86
CA LEU A 43 4.76 -1.32 -23.69
C LEU A 43 5.62 -2.25 -24.57
N ASP A 44 6.74 -1.76 -25.12
CA ASP A 44 7.67 -2.56 -25.97
C ASP A 44 8.29 -3.71 -25.14
N ALA A 45 8.92 -3.39 -24.00
CA ALA A 45 9.51 -4.40 -23.09
C ALA A 45 8.40 -5.36 -22.61
N PHE A 46 7.25 -4.81 -22.22
CA PHE A 46 6.09 -5.55 -21.67
C PHE A 46 5.65 -6.64 -22.66
N GLU A 47 5.39 -6.26 -23.92
CA GLU A 47 4.89 -7.15 -25.00
C GLU A 47 5.92 -8.23 -25.36
N ARG A 48 7.22 -7.91 -25.33
CA ARG A 48 8.32 -8.87 -25.52
C ARG A 48 8.36 -9.89 -24.39
N ASN A 49 8.21 -9.44 -23.13
CA ASN A 49 8.09 -10.30 -21.91
C ASN A 49 6.90 -11.28 -22.06
N LEU A 50 5.73 -10.77 -22.46
CA LEU A 50 4.49 -11.58 -22.63
C LEU A 50 4.73 -12.63 -23.72
N GLN A 51 5.37 -12.20 -24.83
CA GLN A 51 5.67 -13.02 -26.03
C GLN A 51 6.68 -14.09 -25.61
N THR A 52 7.79 -13.68 -24.97
CA THR A 52 8.84 -14.59 -24.47
C THR A 52 8.19 -15.73 -23.70
N MET A 53 7.24 -15.43 -22.81
CA MET A 53 6.67 -16.39 -21.82
C MET A 53 5.69 -17.33 -22.53
N ALA A 54 4.76 -16.77 -23.31
CA ALA A 54 3.66 -17.48 -24.02
C ALA A 54 4.24 -18.52 -24.99
N ASP A 55 5.32 -18.16 -25.68
CA ASP A 55 6.10 -19.03 -26.60
C ASP A 55 6.66 -20.21 -25.81
N TRP A 56 7.45 -19.90 -24.77
CA TRP A 56 8.10 -20.91 -23.90
C TRP A 56 7.05 -21.89 -23.36
N ALA A 57 5.90 -21.42 -22.90
CA ALA A 57 4.83 -22.31 -22.40
C ALA A 57 4.47 -23.33 -23.49
N LYS A 58 4.06 -22.86 -24.67
CA LYS A 58 3.69 -23.69 -25.84
C LYS A 58 4.85 -24.65 -26.17
N SER A 59 6.09 -24.16 -26.17
CA SER A 59 7.30 -24.93 -26.57
C SER A 59 7.47 -26.15 -25.65
N LYS A 60 6.85 -26.15 -24.46
CA LYS A 60 6.91 -27.29 -23.48
C LYS A 60 5.53 -27.95 -23.31
N ASN A 61 4.59 -27.65 -24.21
N ASN A 61 4.57 -27.61 -24.16
CA ASN A 61 3.17 -28.13 -24.19
CA ASN A 61 3.21 -28.22 -24.14
C ASN A 61 2.67 -28.12 -22.73
C ASN A 61 2.62 -28.11 -22.73
N VAL A 62 2.78 -26.96 -22.06
CA VAL A 62 2.12 -26.67 -20.75
C VAL A 62 1.23 -25.45 -20.95
N ARG A 63 0.11 -25.36 -20.25
CA ARG A 63 -0.83 -24.21 -20.32
C ARG A 63 -0.24 -23.03 -19.54
N LEU A 64 -0.69 -21.82 -19.88
CA LEU A 64 -0.28 -20.55 -19.23
C LEU A 64 -1.53 -19.90 -18.64
N ARG A 65 -1.50 -19.55 -17.35
CA ARG A 65 -2.61 -18.86 -16.65
C ARG A 65 -2.03 -17.70 -15.83
N PRO A 66 -1.66 -16.57 -16.49
CA PRO A 66 -0.99 -15.49 -15.79
C PRO A 66 -1.78 -15.00 -14.56
N HIS A 67 -1.02 -14.64 -13.54
CA HIS A 67 -1.60 -14.08 -12.29
C HIS A 67 -1.96 -12.62 -12.53
N ALA A 68 -3.22 -12.26 -12.33
CA ALA A 68 -3.70 -10.88 -12.44
C ALA A 68 -3.55 -10.14 -11.10
N1 LLP A 69 0.50 -18.46 -7.58
C2 LLP A 69 0.14 -18.07 -6.35
C2' LLP A 69 -0.81 -18.93 -5.57
C3 LLP A 69 0.62 -16.87 -5.80
O3 LLP A 69 0.20 -16.50 -4.57
C4 LLP A 69 1.52 -16.06 -6.54
C4' LLP A 69 1.98 -14.81 -5.93
C5 LLP A 69 1.90 -16.51 -7.83
C6 LLP A 69 1.36 -17.69 -8.28
C5' LLP A 69 2.80 -15.74 -8.77
OP4 LLP A 69 4.04 -15.20 -8.26
P LLP A 69 5.01 -14.36 -9.28
OP1 LLP A 69 6.36 -14.46 -8.64
OP2 LLP A 69 4.47 -12.92 -9.30
OP3 LLP A 69 4.99 -15.00 -10.69
N LLP A 69 -3.24 -10.83 -9.99
CA LLP A 69 -2.91 -10.18 -8.69
CB LLP A 69 -2.60 -11.20 -7.59
CG LLP A 69 -1.12 -11.56 -7.45
CD LLP A 69 -0.79 -12.51 -6.30
CE LLP A 69 0.21 -13.52 -6.72
NZ LLP A 69 1.18 -13.84 -5.66
C LLP A 69 -1.72 -9.23 -8.88
O LLP A 69 -1.55 -8.29 -8.09
N SER A 70 -0.91 -9.50 -9.90
CA SER A 70 0.33 -8.77 -10.19
C SER A 70 0.00 -7.35 -10.59
N HIS A 71 -1.09 -7.15 -11.34
CA HIS A 71 -1.38 -5.90 -12.09
C HIS A 71 -2.80 -5.39 -11.83
N LYS A 72 -3.77 -6.26 -11.54
CA LYS A 72 -5.16 -5.84 -11.22
C LYS A 72 -5.74 -5.00 -12.38
N CYS A 73 -5.31 -5.27 -13.62
CA CYS A 73 -5.57 -4.45 -14.82
C CYS A 73 -6.15 -5.30 -15.93
N PRO A 74 -7.50 -5.34 -16.09
CA PRO A 74 -8.15 -6.04 -17.20
C PRO A 74 -7.48 -5.87 -18.58
N ALA A 75 -7.07 -4.66 -18.96
CA ALA A 75 -6.42 -4.44 -20.26
C ALA A 75 -5.37 -5.53 -20.47
N ILE A 76 -4.53 -5.75 -19.45
CA ILE A 76 -3.33 -6.63 -19.50
C ILE A 76 -3.82 -8.08 -19.50
N ALA A 77 -4.84 -8.42 -18.71
CA ALA A 77 -5.44 -9.77 -18.79
C ALA A 77 -5.76 -10.06 -20.26
N HIS A 78 -6.52 -9.17 -20.93
CA HIS A 78 -6.90 -9.28 -22.37
C HIS A 78 -5.67 -9.49 -23.25
N ARG A 79 -4.57 -8.78 -22.98
CA ARG A 79 -3.34 -8.91 -23.79
C ARG A 79 -2.76 -10.32 -23.64
N GLN A 80 -2.91 -10.92 -22.45
CA GLN A 80 -2.36 -12.26 -22.09
C GLN A 80 -3.24 -13.34 -22.74
N MET A 81 -4.55 -13.11 -22.77
CA MET A 81 -5.55 -14.00 -23.40
C MET A 81 -5.38 -13.98 -24.93
N ALA A 82 -4.92 -12.88 -25.52
CA ALA A 82 -4.69 -12.75 -26.99
C ALA A 82 -3.49 -13.60 -27.42
N LEU A 83 -2.55 -13.88 -26.51
CA LEU A 83 -1.35 -14.70 -26.80
C LEU A 83 -1.57 -16.14 -26.36
N GLY A 84 -2.81 -16.52 -26.02
CA GLY A 84 -3.21 -17.94 -25.90
C GLY A 84 -3.14 -18.46 -24.47
N ALA A 85 -3.10 -17.57 -23.49
CA ALA A 85 -3.29 -17.92 -22.07
C ALA A 85 -4.64 -18.62 -21.95
N VAL A 86 -4.74 -19.68 -21.15
CA VAL A 86 -6.00 -20.45 -20.91
C VAL A 86 -6.96 -19.63 -20.06
N GLY A 87 -6.45 -18.58 -19.40
CA GLY A 87 -7.20 -17.80 -18.39
C GLY A 87 -6.27 -16.98 -17.51
N VAL A 88 -6.77 -16.49 -16.37
CA VAL A 88 -5.94 -15.73 -15.39
C VAL A 88 -6.20 -16.29 -14.00
N CYS A 89 -5.27 -15.99 -13.08
CA CYS A 89 -5.48 -16.25 -11.64
C CYS A 89 -5.92 -14.95 -10.96
N CYS A 90 -6.69 -15.06 -9.88
CA CYS A 90 -7.04 -14.01 -8.90
C CYS A 90 -6.92 -14.60 -7.50
N GLN A 91 -6.83 -13.76 -6.48
CA GLN A 91 -6.72 -14.17 -5.05
C GLN A 91 -8.07 -13.99 -4.35
N LYS A 92 -8.93 -13.13 -4.86
CA LYS A 92 -10.19 -12.81 -4.14
C LYS A 92 -11.36 -12.76 -5.11
N VAL A 93 -12.55 -13.05 -4.60
CA VAL A 93 -13.81 -13.11 -5.39
C VAL A 93 -13.97 -11.79 -6.14
N SER A 94 -13.76 -10.64 -5.48
CA SER A 94 -14.02 -9.30 -6.07
C SER A 94 -13.05 -9.04 -7.22
N GLU A 95 -11.83 -9.57 -7.17
CA GLU A 95 -10.89 -9.46 -8.31
C GLU A 95 -11.51 -10.19 -9.51
N ALA A 96 -12.00 -11.41 -9.27
CA ALA A 96 -12.58 -12.32 -10.30
C ALA A 96 -13.81 -11.63 -10.91
N GLU A 97 -14.73 -11.12 -10.06
CA GLU A 97 -15.91 -10.31 -10.50
C GLU A 97 -15.50 -9.29 -11.55
N VAL A 98 -14.51 -8.47 -11.21
CA VAL A 98 -13.99 -7.34 -12.05
C VAL A 98 -13.46 -7.88 -13.37
N MET A 99 -12.71 -8.98 -13.32
CA MET A 99 -12.04 -9.56 -14.53
C MET A 99 -13.12 -10.15 -15.45
N VAL A 100 -14.07 -10.91 -14.90
CA VAL A 100 -15.27 -11.45 -15.59
C VAL A 100 -16.04 -10.27 -16.25
N ASP A 101 -16.46 -9.26 -15.45
CA ASP A 101 -17.21 -8.05 -15.90
C ASP A 101 -16.52 -7.41 -17.11
N ALA A 102 -15.19 -7.54 -17.24
CA ALA A 102 -14.40 -7.00 -18.37
C ALA A 102 -14.24 -8.05 -19.49
N GLY A 103 -15.01 -9.14 -19.46
CA GLY A 103 -14.99 -10.17 -20.52
C GLY A 103 -13.80 -11.13 -20.43
N ILE A 104 -13.22 -11.30 -19.24
CA ILE A 104 -12.29 -12.45 -19.01
C ILE A 104 -13.17 -13.66 -18.73
N THR A 105 -13.05 -14.67 -19.59
CA THR A 105 -14.00 -15.80 -19.73
C THR A 105 -13.60 -16.93 -18.75
N ASN A 106 -12.31 -17.10 -18.50
CA ASN A 106 -11.69 -18.20 -17.71
C ASN A 106 -10.89 -17.61 -16.53
N VAL A 107 -11.39 -17.70 -15.29
CA VAL A 107 -10.69 -17.16 -14.07
C VAL A 107 -10.59 -18.25 -12.99
N LEU A 108 -9.36 -18.51 -12.53
CA LEU A 108 -9.07 -19.35 -11.33
C LEU A 108 -8.77 -18.42 -10.17
N ILE A 109 -9.54 -18.56 -9.11
CA ILE A 109 -9.20 -18.03 -7.76
C ILE A 109 -8.20 -19.01 -7.15
N SER A 110 -6.92 -18.68 -7.23
CA SER A 110 -5.77 -19.51 -6.80
C SER A 110 -5.61 -19.40 -5.30
N ASN A 111 -6.68 -19.65 -4.56
CA ASN A 111 -6.75 -19.31 -3.13
C ASN A 111 -7.99 -19.99 -2.54
N GLU A 112 -8.06 -20.14 -1.22
CA GLU A 112 -9.30 -20.59 -0.56
C GLU A 112 -10.21 -19.36 -0.32
N VAL A 113 -11.49 -19.61 -0.17
CA VAL A 113 -12.51 -18.57 0.10
C VAL A 113 -13.38 -19.01 1.27
N VAL A 114 -13.50 -18.18 2.29
CA VAL A 114 -14.34 -18.46 3.49
C VAL A 114 -15.17 -17.23 3.83
N GLY A 115 -16.50 -17.40 3.85
CA GLY A 115 -17.42 -16.31 4.20
C GLY A 115 -18.68 -16.43 3.38
N ARG A 116 -19.83 -16.44 4.05
CA ARG A 116 -21.20 -16.54 3.50
C ARG A 116 -21.35 -15.71 2.23
N THR A 117 -21.13 -14.40 2.32
CA THR A 117 -21.35 -13.53 1.13
C THR A 117 -20.31 -13.77 0.05
N LYS A 118 -19.08 -14.11 0.42
CA LYS A 118 -18.04 -14.29 -0.64
C LYS A 118 -18.46 -15.45 -1.54
N LEU A 119 -18.89 -16.55 -0.94
CA LEU A 119 -19.26 -17.80 -1.68
C LEU A 119 -20.53 -17.56 -2.48
N GLU A 120 -21.52 -16.90 -1.89
CA GLU A 120 -22.78 -16.53 -2.60
C GLU A 120 -22.41 -15.73 -3.84
N ALA A 121 -21.55 -14.73 -3.68
CA ALA A 121 -21.08 -13.90 -4.81
C ALA A 121 -20.32 -14.79 -5.82
N LEU A 122 -19.61 -15.81 -5.34
CA LEU A 122 -18.73 -16.68 -6.19
C LEU A 122 -19.61 -17.57 -7.09
N ALA A 123 -20.67 -18.16 -6.52
CA ALA A 123 -21.72 -18.86 -7.29
C ALA A 123 -22.14 -17.98 -8.48
N GLN A 124 -22.58 -16.75 -8.19
CA GLN A 124 -23.16 -15.85 -9.22
C GLN A 124 -22.13 -15.65 -10.35
N LEU A 125 -20.84 -15.73 -10.00
CA LEU A 125 -19.72 -15.66 -10.99
C LEU A 125 -19.68 -16.93 -11.85
N ALA A 126 -19.87 -18.10 -11.22
CA ALA A 126 -19.77 -19.43 -11.87
C ALA A 126 -20.73 -19.51 -13.06
N LEU A 127 -21.91 -18.87 -12.95
CA LEU A 127 -22.97 -18.83 -14.00
C LEU A 127 -22.47 -18.11 -15.26
N ARG A 128 -21.57 -17.13 -15.16
CA ARG A 128 -21.30 -16.17 -16.28
C ARG A 128 -19.88 -16.29 -16.83
N ALA A 129 -19.06 -17.21 -16.32
CA ALA A 129 -17.71 -17.53 -16.84
C ALA A 129 -17.22 -18.85 -16.26
N ARG A 130 -16.16 -19.42 -16.84
CA ARG A 130 -15.55 -20.70 -16.37
C ARG A 130 -14.66 -20.36 -15.17
N MET A 131 -15.21 -20.59 -13.99
CA MET A 131 -14.58 -20.20 -12.72
C MET A 131 -13.78 -21.39 -12.19
N GLY A 132 -12.70 -21.10 -11.45
CA GLY A 132 -12.03 -22.06 -10.57
C GLY A 132 -11.86 -21.51 -9.16
N VAL A 133 -11.80 -22.39 -8.17
CA VAL A 133 -11.39 -22.04 -6.79
C VAL A 133 -10.58 -23.19 -6.21
N CYS A 134 -9.86 -22.97 -5.13
CA CYS A 134 -9.06 -23.98 -4.39
C CYS A 134 -9.70 -24.26 -3.04
N VAL A 135 -9.45 -25.44 -2.49
CA VAL A 135 -9.92 -25.81 -1.13
C VAL A 135 -8.78 -26.52 -0.39
N ASP A 136 -8.68 -26.33 0.92
CA ASP A 136 -7.71 -27.07 1.78
C ASP A 136 -8.44 -27.59 3.03
N ASP A 137 -9.77 -27.61 3.04
CA ASP A 137 -10.55 -28.02 4.23
C ASP A 137 -11.89 -28.60 3.78
N ILE A 138 -12.39 -29.62 4.49
CA ILE A 138 -13.71 -30.25 4.17
C ILE A 138 -14.79 -29.18 4.40
N ARG A 139 -14.65 -28.40 5.47
CA ARG A 139 -15.56 -27.27 5.84
C ARG A 139 -15.78 -26.35 4.62
N GLN A 140 -14.76 -26.10 3.79
CA GLN A 140 -14.86 -25.19 2.61
C GLN A 140 -15.58 -25.92 1.47
N ILE A 141 -15.27 -27.21 1.32
CA ILE A 141 -15.92 -28.09 0.32
C ILE A 141 -17.44 -28.00 0.54
N ARG A 142 -17.89 -28.23 1.78
CA ARG A 142 -19.33 -28.22 2.20
C ARG A 142 -19.97 -26.89 1.79
N ASP A 143 -19.41 -25.76 2.28
CA ASP A 143 -20.02 -24.41 2.10
C ASP A 143 -19.96 -24.01 0.62
N LEU A 144 -18.88 -24.37 -0.09
CA LEU A 144 -18.79 -24.06 -1.54
C LEU A 144 -19.86 -24.86 -2.28
N SER A 145 -20.16 -26.09 -1.84
CA SER A 145 -21.16 -27.00 -2.46
C SER A 145 -22.56 -26.35 -2.42
N GLU A 146 -23.07 -26.10 -1.23
CA GLU A 146 -24.42 -25.51 -1.06
C GLU A 146 -24.58 -24.22 -1.89
N ALA A 147 -23.59 -23.35 -1.84
CA ALA A 147 -23.71 -22.05 -2.53
C ALA A 147 -23.86 -22.24 -4.04
N MET A 148 -23.14 -23.20 -4.61
CA MET A 148 -23.22 -23.42 -6.07
C MET A 148 -24.52 -24.18 -6.39
N HIS A 149 -24.98 -24.96 -5.42
CA HIS A 149 -26.23 -25.75 -5.48
C HIS A 149 -27.39 -24.75 -5.55
N ALA A 150 -27.53 -23.90 -4.52
CA ALA A 150 -28.62 -22.88 -4.45
C ALA A 150 -28.68 -22.07 -5.74
N ALA A 151 -27.55 -21.63 -6.27
CA ALA A 151 -27.54 -20.86 -7.51
C ALA A 151 -27.60 -21.78 -8.73
N GLY A 152 -27.53 -23.09 -8.56
CA GLY A 152 -27.53 -24.00 -9.71
C GLY A 152 -26.41 -23.64 -10.64
N ALA A 153 -25.19 -23.66 -10.12
CA ALA A 153 -24.00 -23.35 -10.95
C ALA A 153 -22.90 -24.35 -10.62
N THR A 154 -21.94 -24.49 -11.53
CA THR A 154 -20.79 -25.40 -11.28
C THR A 154 -19.45 -24.67 -11.39
N ILE A 155 -18.53 -25.02 -10.51
CA ILE A 155 -17.15 -24.45 -10.46
C ILE A 155 -16.13 -25.59 -10.38
N ASP A 156 -15.10 -25.52 -11.22
CA ASP A 156 -13.86 -26.33 -11.11
C ASP A 156 -13.18 -26.02 -9.78
N VAL A 157 -12.79 -27.05 -9.03
CA VAL A 157 -12.10 -26.92 -7.72
C VAL A 157 -10.74 -27.60 -7.81
N LEU A 158 -9.68 -26.88 -7.42
CA LEU A 158 -8.34 -27.47 -7.15
C LEU A 158 -8.24 -27.80 -5.65
N VAL A 159 -7.57 -28.89 -5.29
CA VAL A 159 -7.13 -29.13 -3.88
C VAL A 159 -5.73 -28.51 -3.74
N GLU A 160 -5.56 -27.65 -2.74
CA GLU A 160 -4.25 -26.99 -2.50
C GLU A 160 -3.49 -27.80 -1.47
N ILE A 161 -2.31 -28.27 -1.85
CA ILE A 161 -1.35 -28.92 -0.94
C ILE A 161 -0.28 -27.90 -0.58
N ASN A 162 0.19 -28.00 0.66
CA ASN A 162 1.34 -27.24 1.20
C ASN A 162 2.64 -27.98 0.88
N ILE A 163 3.36 -27.50 -0.13
CA ILE A 163 4.66 -28.10 -0.58
C ILE A 163 5.83 -27.32 0.01
N GLY A 164 5.60 -26.48 1.01
CA GLY A 164 6.74 -25.77 1.63
C GLY A 164 6.44 -24.33 1.98
N GLY A 165 5.42 -23.74 1.40
CA GLY A 165 5.04 -22.35 1.66
C GLY A 165 4.57 -22.14 3.08
N ASN A 166 3.97 -23.16 3.69
CA ASN A 166 3.47 -23.15 5.08
C ASN A 166 2.48 -22.01 5.29
N ARG A 167 1.70 -21.73 4.26
CA ARG A 167 0.64 -20.71 4.29
C ARG A 167 -0.66 -21.53 4.34
N CYS A 168 -1.32 -21.69 3.21
CA CYS A 168 -2.53 -22.52 3.10
C CYS A 168 -2.18 -23.91 2.52
N GLY A 169 -3.17 -24.78 2.35
CA GLY A 169 -2.92 -26.13 1.80
C GLY A 169 -2.87 -27.22 2.83
N VAL A 170 -3.38 -28.38 2.47
CA VAL A 170 -3.44 -29.59 3.34
C VAL A 170 -2.12 -30.33 3.17
N GLU A 171 -1.72 -31.19 4.12
CA GLU A 171 -0.48 -32.00 3.97
C GLU A 171 -0.59 -32.77 2.66
N PRO A 172 0.48 -32.86 1.83
CA PRO A 172 0.46 -33.69 0.63
C PRO A 172 0.19 -35.16 1.00
N GLY A 173 -0.27 -35.97 0.04
CA GLY A 173 -0.52 -37.42 0.23
C GLY A 173 -1.96 -37.70 0.63
N ASP A 174 -2.20 -38.60 1.58
CA ASP A 174 -3.57 -39.10 1.89
C ASP A 174 -4.49 -37.92 2.19
N PRO A 175 -4.09 -36.94 3.03
CA PRO A 175 -5.00 -35.83 3.35
C PRO A 175 -5.54 -35.09 2.10
N ALA A 176 -4.72 -34.84 1.09
CA ALA A 176 -5.16 -34.26 -0.21
C ALA A 176 -6.11 -35.24 -0.91
N VAL A 177 -5.85 -36.54 -0.83
CA VAL A 177 -6.66 -37.57 -1.55
C VAL A 177 -8.10 -37.49 -1.06
N ARG A 178 -8.29 -37.49 0.26
CA ARG A 178 -9.64 -37.51 0.90
C ARG A 178 -10.41 -36.27 0.43
N LEU A 179 -9.78 -35.09 0.51
CA LEU A 179 -10.39 -33.83 0.01
C LEU A 179 -10.73 -33.99 -1.47
N GLY A 180 -9.84 -34.57 -2.29
CA GLY A 180 -10.11 -34.85 -3.71
C GLY A 180 -11.36 -35.70 -3.90
N ALA A 181 -11.55 -36.73 -3.06
CA ALA A 181 -12.77 -37.57 -2.99
C ALA A 181 -13.97 -36.67 -2.68
N ALA A 182 -13.95 -35.95 -1.55
CA ALA A 182 -15.03 -35.05 -1.09
C ALA A 182 -15.43 -34.06 -2.20
N VAL A 183 -14.48 -33.54 -2.97
CA VAL A 183 -14.76 -32.60 -4.09
C VAL A 183 -15.55 -33.33 -5.21
N ALA A 184 -15.15 -34.53 -5.63
CA ALA A 184 -15.89 -35.27 -6.70
C ALA A 184 -17.31 -35.59 -6.22
N GLN A 185 -17.44 -36.10 -4.98
CA GLN A 185 -18.68 -36.58 -4.30
C GLN A 185 -19.63 -35.46 -3.85
N ALA A 186 -19.23 -34.19 -3.93
CA ALA A 186 -20.05 -33.04 -3.51
C ALA A 186 -20.68 -32.37 -4.74
N ASP A 187 -21.83 -31.71 -4.55
CA ASP A 187 -22.69 -31.15 -5.62
C ASP A 187 -22.20 -29.75 -6.01
N GLY A 188 -22.07 -29.50 -7.31
CA GLY A 188 -21.65 -28.20 -7.88
C GLY A 188 -20.14 -28.11 -8.05
N LEU A 189 -19.40 -29.00 -7.40
CA LEU A 189 -17.91 -29.07 -7.39
C LEU A 189 -17.45 -30.20 -8.33
N ARG A 190 -16.89 -29.82 -9.48
CA ARG A 190 -16.15 -30.71 -10.40
C ARG A 190 -14.67 -30.73 -10.00
N PHE A 191 -14.14 -31.86 -9.49
CA PHE A 191 -12.71 -32.00 -9.11
C PHE A 191 -11.83 -31.77 -10.33
N ALA A 192 -10.97 -30.75 -10.31
CA ALA A 192 -10.21 -30.29 -11.49
C ALA A 192 -8.69 -30.47 -11.36
N GLY A 193 -8.20 -30.95 -10.21
CA GLY A 193 -6.77 -31.22 -9.95
C GLY A 193 -6.21 -30.58 -8.69
N LEU A 194 -4.90 -30.30 -8.69
CA LEU A 194 -4.13 -29.81 -7.53
C LEU A 194 -3.68 -28.36 -7.77
N GLN A 195 -3.57 -27.61 -6.68
CA GLN A 195 -2.79 -26.35 -6.60
C GLN A 195 -1.59 -26.62 -5.69
N SER A 196 -0.40 -26.25 -6.17
CA SER A 196 0.88 -26.63 -5.56
C SER A 196 1.89 -25.53 -5.86
N TYR A 197 2.01 -24.57 -4.94
CA TYR A 197 2.81 -23.33 -5.12
C TYR A 197 3.54 -23.00 -3.83
N ASP A 198 4.85 -22.74 -3.92
CA ASP A 198 5.69 -22.30 -2.77
C ASP A 198 6.26 -20.90 -3.09
N GLY A 199 5.76 -19.88 -2.40
CA GLY A 199 6.24 -18.49 -2.47
C GLY A 199 7.73 -18.37 -2.15
N ILE A 200 8.24 -19.21 -1.25
CA ILE A 200 9.65 -19.17 -0.77
C ILE A 200 10.62 -19.60 -1.88
N THR A 201 10.24 -20.56 -2.73
CA THR A 201 11.09 -21.10 -3.84
C THR A 201 11.39 -19.97 -4.85
N GLN A 202 10.45 -19.05 -5.06
CA GLN A 202 10.45 -18.08 -6.19
C GLN A 202 11.67 -17.14 -6.11
N HIS A 203 12.18 -16.89 -4.91
CA HIS A 203 13.24 -15.87 -4.63
C HIS A 203 14.45 -16.52 -3.96
N VAL A 204 14.74 -17.79 -4.25
CA VAL A 204 16.00 -18.45 -3.82
C VAL A 204 17.06 -18.03 -4.83
N ARG A 205 18.15 -17.45 -4.34
CA ARG A 205 19.07 -16.63 -5.17
C ARG A 205 19.78 -17.59 -6.13
N ASP A 206 20.53 -18.55 -5.57
CA ASP A 206 21.32 -19.54 -6.34
C ASP A 206 20.36 -20.44 -7.14
N PRO A 207 20.59 -20.66 -8.46
CA PRO A 207 19.66 -21.42 -9.29
C PRO A 207 19.80 -22.96 -9.25
N ASP A 208 20.79 -23.47 -8.53
CA ASP A 208 20.93 -24.93 -8.22
C ASP A 208 20.10 -25.22 -6.98
N GLU A 209 20.24 -24.37 -5.94
CA GLU A 209 19.32 -24.29 -4.77
C GLU A 209 17.88 -24.23 -5.27
N ARG A 210 17.59 -23.39 -6.27
CA ARG A 210 16.20 -23.08 -6.69
C ARG A 210 15.63 -24.30 -7.42
N LYS A 211 16.44 -24.92 -8.28
CA LYS A 211 16.08 -26.12 -9.08
C LYS A 211 15.86 -27.32 -8.15
N ALA A 212 16.73 -27.50 -7.16
CA ALA A 212 16.74 -28.64 -6.22
C ALA A 212 15.46 -28.59 -5.38
N ARG A 213 15.08 -27.41 -4.91
CA ARG A 213 13.90 -27.18 -4.05
C ARG A 213 12.64 -27.38 -4.91
N ALA A 214 12.67 -26.94 -6.18
CA ALA A 214 11.58 -27.14 -7.18
C ALA A 214 11.42 -28.63 -7.49
N ALA A 215 12.53 -29.33 -7.74
CA ALA A 215 12.55 -30.78 -8.02
C ALA A 215 11.94 -31.56 -6.84
N ARG A 216 12.21 -31.18 -5.60
CA ARG A 216 11.67 -31.86 -4.38
C ARG A 216 10.17 -31.66 -4.24
N ALA A 217 9.68 -30.45 -4.46
CA ALA A 217 8.25 -30.14 -4.54
C ALA A 217 7.59 -30.97 -5.65
N GLY A 218 8.21 -31.01 -6.84
CA GLY A 218 7.81 -31.90 -7.96
C GLY A 218 7.60 -33.35 -7.52
N ASP A 219 8.55 -33.92 -6.79
CA ASP A 219 8.45 -35.34 -6.31
C ASP A 219 7.24 -35.47 -5.39
N VAL A 220 7.06 -34.52 -4.47
CA VAL A 220 5.93 -34.54 -3.50
C VAL A 220 4.60 -34.37 -4.22
N THR A 221 4.55 -33.49 -5.22
CA THR A 221 3.32 -33.23 -6.00
C THR A 221 3.01 -34.47 -6.84
N ALA A 222 4.02 -35.07 -7.50
CA ALA A 222 3.88 -36.35 -8.26
C ALA A 222 3.26 -37.45 -7.38
N GLN A 223 3.62 -37.52 -6.08
CA GLN A 223 3.15 -38.61 -5.18
C GLN A 223 1.67 -38.44 -4.94
N THR A 224 1.21 -37.18 -4.85
CA THR A 224 -0.21 -36.85 -4.57
C THR A 224 -1.01 -37.15 -5.84
N ILE A 225 -0.51 -36.75 -7.01
CA ILE A 225 -1.14 -37.05 -8.34
C ILE A 225 -1.32 -38.58 -8.44
N ALA A 226 -0.31 -39.34 -8.04
CA ALA A 226 -0.29 -40.82 -8.19
C ALA A 226 -1.35 -41.44 -7.26
N ALA A 227 -1.42 -40.95 -6.01
CA ALA A 227 -2.30 -41.44 -4.93
C ALA A 227 -3.77 -41.12 -5.24
N LEU A 228 -4.03 -40.04 -5.98
CA LEU A 228 -5.39 -39.71 -6.49
C LEU A 228 -5.72 -40.66 -7.64
N ARG A 229 -4.75 -41.00 -8.47
CA ARG A 229 -4.97 -41.86 -9.67
C ARG A 229 -5.46 -43.23 -9.18
N ASP A 230 -4.81 -43.75 -8.13
CA ASP A 230 -5.14 -45.01 -7.40
C ASP A 230 -6.62 -45.08 -6.93
N ILE A 231 -7.30 -43.95 -6.70
CA ILE A 231 -8.74 -43.97 -6.27
C ILE A 231 -9.61 -43.40 -7.41
N GLY A 232 -9.08 -43.32 -8.63
CA GLY A 232 -9.88 -43.11 -9.86
C GLY A 232 -10.13 -41.65 -10.19
N LEU A 233 -9.29 -40.74 -9.67
CA LEU A 233 -9.36 -39.27 -9.94
C LEU A 233 -8.11 -38.84 -10.71
N GLU A 234 -8.30 -38.37 -11.94
CA GLU A 234 -7.26 -37.67 -12.74
C GLU A 234 -7.18 -36.22 -12.25
N CYS A 235 -6.06 -35.57 -12.52
CA CYS A 235 -5.85 -34.12 -12.26
C CYS A 235 -5.87 -33.40 -13.62
N GLU A 236 -6.98 -32.78 -14.02
CA GLU A 236 -7.03 -32.01 -15.30
C GLU A 236 -5.96 -30.93 -15.25
N THR A 237 -5.84 -30.26 -14.10
CA THR A 237 -4.87 -29.16 -13.85
C THR A 237 -3.96 -29.53 -12.67
N VAL A 238 -2.67 -29.45 -12.91
CA VAL A 238 -1.67 -29.42 -11.82
C VAL A 238 -1.18 -27.96 -11.88
N GLY A 239 -1.76 -27.13 -11.02
CA GLY A 239 -1.54 -25.69 -11.07
C GLY A 239 -0.45 -25.23 -10.14
N GLY A 240 0.19 -24.15 -10.51
CA GLY A 240 1.25 -23.60 -9.67
C GLY A 240 2.27 -22.86 -10.48
N ALA A 241 3.45 -22.72 -9.90
CA ALA A 241 4.65 -22.02 -10.43
C ALA A 241 4.55 -20.50 -10.33
N GLY A 242 5.68 -19.91 -9.99
CA GLY A 242 5.78 -18.44 -9.99
C GLY A 242 6.79 -18.00 -11.02
N THR A 243 7.22 -16.75 -10.96
CA THR A 243 8.19 -16.25 -11.94
C THR A 243 9.56 -16.90 -11.69
N GLY A 244 9.88 -17.29 -10.47
CA GLY A 244 11.20 -17.88 -10.18
C GLY A 244 11.33 -19.38 -10.38
N SER A 245 10.23 -20.14 -10.43
CA SER A 245 10.25 -21.62 -10.49
C SER A 245 9.64 -22.17 -11.78
N PHE A 246 8.87 -21.37 -12.54
CA PHE A 246 8.05 -21.83 -13.70
C PHE A 246 8.89 -22.70 -14.67
N ALA A 247 10.19 -22.40 -14.83
CA ALA A 247 11.07 -23.05 -15.84
C ALA A 247 11.32 -24.50 -15.43
N PHE A 248 11.54 -24.73 -14.14
CA PHE A 248 11.76 -26.08 -13.55
C PHE A 248 10.41 -26.80 -13.44
N ASP A 249 9.35 -26.10 -12.99
CA ASP A 249 8.00 -26.72 -12.82
C ASP A 249 7.47 -27.10 -14.21
N GLY A 250 7.61 -26.22 -15.20
CA GLY A 250 7.17 -26.46 -16.59
C GLY A 250 7.88 -27.66 -17.21
N MET A 251 9.09 -27.96 -16.74
CA MET A 251 10.05 -28.95 -17.32
C MET A 251 9.95 -30.31 -16.60
N SER A 252 9.31 -30.34 -15.42
CA SER A 252 9.20 -31.50 -14.50
C SER A 252 8.26 -32.58 -15.05
N GLY A 253 7.31 -32.22 -15.92
CA GLY A 253 6.22 -33.09 -16.39
C GLY A 253 5.21 -33.36 -15.28
N VAL A 254 5.25 -32.56 -14.20
CA VAL A 254 4.31 -32.65 -13.05
C VAL A 254 3.21 -31.58 -13.16
N TRP A 255 3.60 -30.31 -13.26
CA TRP A 255 2.74 -29.13 -13.53
C TRP A 255 2.41 -29.02 -15.03
N ASN A 256 1.20 -28.57 -15.36
CA ASN A 256 0.76 -28.39 -16.76
C ASN A 256 0.06 -27.04 -16.94
N GLU A 257 -0.17 -26.28 -15.87
CA GLU A 257 -0.78 -24.93 -15.94
C GLU A 257 -0.01 -23.99 -15.00
N LEU A 258 0.98 -23.27 -15.57
CA LEU A 258 1.90 -22.32 -14.90
C LEU A 258 1.21 -20.98 -14.65
N GLN A 259 1.41 -20.42 -13.46
CA GLN A 259 0.74 -19.18 -13.02
C GLN A 259 1.73 -18.03 -12.74
N PRO A 260 2.72 -17.68 -13.58
CA PRO A 260 3.63 -16.60 -13.24
C PRO A 260 2.88 -15.26 -13.38
N GLY A 261 3.24 -14.28 -12.58
CA GLY A 261 2.59 -12.97 -12.66
C GLY A 261 3.58 -11.84 -12.83
N SER A 262 4.68 -11.90 -12.08
CA SER A 262 5.72 -10.84 -12.12
C SER A 262 6.44 -10.76 -13.46
N TYR A 263 6.60 -11.87 -14.18
CA TYR A 263 7.35 -11.98 -15.45
C TYR A 263 7.07 -10.85 -16.44
N ALA A 264 5.87 -10.25 -16.44
CA ALA A 264 5.51 -9.28 -17.48
C ALA A 264 6.19 -7.95 -17.22
N PHE A 265 6.52 -7.68 -15.96
CA PHE A 265 7.00 -6.36 -15.53
C PHE A 265 8.41 -6.38 -14.99
N MET A 266 8.65 -7.29 -14.05
CA MET A 266 9.88 -7.52 -13.26
C MET A 266 10.04 -6.48 -12.13
N ASP A 267 10.82 -6.83 -11.14
CA ASP A 267 11.03 -5.90 -10.00
C ASP A 267 12.48 -6.04 -9.53
N ALA A 268 12.86 -5.29 -8.49
CA ALA A 268 14.23 -5.36 -7.97
C ALA A 268 14.48 -6.70 -7.25
N ASP A 269 13.47 -7.28 -6.63
CA ASP A 269 13.63 -8.53 -5.84
C ASP A 269 13.99 -9.66 -6.82
N TYR A 270 13.27 -9.77 -7.94
CA TYR A 270 13.53 -10.78 -9.00
C TYR A 270 14.88 -10.48 -9.67
N ALA A 271 15.26 -9.21 -9.80
CA ALA A 271 16.57 -8.81 -10.35
C ALA A 271 17.71 -9.47 -9.56
N ARG A 272 17.54 -9.73 -8.24
CA ARG A 272 18.59 -10.32 -7.35
C ARG A 272 18.78 -11.84 -7.61
N ASN A 273 17.79 -12.54 -8.20
CA ASN A 273 17.92 -13.96 -8.62
C ASN A 273 19.00 -14.09 -9.70
N THR A 274 19.72 -15.21 -9.74
CA THR A 274 20.63 -15.62 -10.85
C THR A 274 19.91 -16.63 -11.73
N PRO A 275 19.88 -16.46 -13.07
CA PRO A 275 19.07 -17.33 -13.95
C PRO A 275 19.65 -18.67 -14.45
N VAL A 280 15.98 -21.53 -20.51
CA VAL A 280 15.17 -20.67 -19.58
C VAL A 280 15.20 -19.23 -20.09
N PRO A 281 14.05 -18.57 -20.27
CA PRO A 281 14.02 -17.21 -20.80
C PRO A 281 14.27 -16.15 -19.71
N LYS A 282 14.74 -14.97 -20.15
CA LYS A 282 15.02 -13.79 -19.29
C LYS A 282 13.99 -12.71 -19.62
N PHE A 283 13.62 -11.91 -18.62
CA PHE A 283 12.59 -10.85 -18.73
C PHE A 283 13.25 -9.50 -18.52
N GLU A 284 12.68 -8.48 -19.18
CA GLU A 284 13.16 -7.07 -19.16
C GLU A 284 12.35 -6.28 -18.13
N HIS A 285 12.97 -5.31 -17.46
CA HIS A 285 12.23 -4.33 -16.62
C HIS A 285 11.23 -3.58 -17.50
N ALA A 286 9.93 -3.72 -17.26
CA ALA A 286 8.90 -2.99 -18.02
C ALA A 286 7.96 -2.13 -17.13
N MET A 287 8.05 -2.21 -15.80
CA MET A 287 7.17 -1.45 -14.86
C MET A 287 8.04 -0.49 -14.07
N PHE A 288 7.68 0.79 -14.03
CA PHE A 288 8.46 1.82 -13.31
C PHE A 288 7.50 2.80 -12.65
N VAL A 289 7.95 3.36 -11.53
CA VAL A 289 7.28 4.54 -10.93
C VAL A 289 8.06 5.74 -11.41
N TRP A 290 7.33 6.74 -11.90
CA TRP A 290 7.85 8.01 -12.50
C TRP A 290 7.67 9.12 -11.46
N ALA A 291 8.78 9.67 -10.96
CA ALA A 291 8.79 10.59 -9.80
C ALA A 291 9.54 11.87 -10.17
N ILE A 292 9.09 13.00 -9.63
CA ILE A 292 9.79 14.32 -9.78
C ILE A 292 10.61 14.55 -8.52
N VAL A 293 11.83 15.05 -8.67
CA VAL A 293 12.63 15.61 -7.56
C VAL A 293 11.91 16.88 -7.12
N MET A 294 11.54 16.97 -5.83
CA MET A 294 10.75 18.10 -5.28
C MET A 294 11.53 18.78 -4.15
N SER A 295 12.72 18.30 -3.82
CA SER A 295 13.67 18.96 -2.89
C SER A 295 15.09 18.50 -3.21
N ARG A 296 16.01 19.46 -3.29
CA ARG A 296 17.45 19.30 -3.63
C ARG A 296 18.14 20.46 -2.92
N THR A 297 18.45 20.26 -1.65
CA THR A 297 18.78 21.32 -0.66
C THR A 297 20.29 21.32 -0.40
N SER A 298 20.87 20.13 -0.37
CA SER A 298 22.30 19.83 -0.14
C SER A 298 22.82 18.95 -1.30
N VAL A 299 24.13 18.91 -1.49
CA VAL A 299 24.76 17.98 -2.46
C VAL A 299 24.72 16.59 -1.83
N GLY A 300 24.61 15.54 -2.66
CA GLY A 300 24.63 14.12 -2.21
C GLY A 300 23.24 13.54 -1.90
N GLN A 301 22.15 14.29 -2.12
CA GLN A 301 20.75 13.87 -1.86
C GLN A 301 19.74 14.66 -2.70
N ALA A 302 18.84 13.95 -3.37
CA ALA A 302 17.63 14.46 -4.04
C ALA A 302 16.43 13.70 -3.48
N VAL A 303 15.34 14.41 -3.23
CA VAL A 303 14.10 13.78 -2.69
C VAL A 303 13.04 13.81 -3.79
N VAL A 304 12.43 12.66 -4.08
CA VAL A 304 11.32 12.54 -5.07
C VAL A 304 9.98 12.49 -4.33
N ASP A 305 8.90 12.75 -5.05
CA ASP A 305 7.49 12.70 -4.58
C ASP A 305 6.97 11.26 -4.57
N ALA A 306 7.83 10.25 -4.70
CA ALA A 306 7.43 8.83 -4.56
C ALA A 306 8.08 8.23 -3.31
N GLY A 307 7.29 8.08 -2.23
CA GLY A 307 7.60 7.26 -1.03
C GLY A 307 6.89 5.92 -1.00
N HIS A 308 6.81 5.28 0.17
CA HIS A 308 6.34 3.87 0.33
C HIS A 308 4.84 3.75 0.06
N LYS A 309 4.08 4.85 0.03
CA LYS A 309 2.66 4.85 -0.43
C LYS A 309 2.57 4.53 -1.93
N VAL A 310 3.62 4.74 -2.72
CA VAL A 310 3.56 4.41 -4.17
C VAL A 310 4.64 3.37 -4.54
N LEU A 311 5.54 3.08 -3.61
CA LEU A 311 6.66 2.12 -3.77
C LEU A 311 6.78 1.31 -2.49
N PRO A 312 5.84 0.38 -2.22
CA PRO A 312 5.87 -0.44 -1.02
C PRO A 312 7.22 -1.17 -0.86
N ILE A 313 7.67 -1.27 0.38
CA ILE A 313 9.02 -1.77 0.75
C ILE A 313 8.94 -3.08 1.53
N ASP A 314 7.98 -3.93 1.22
CA ASP A 314 7.92 -5.24 1.88
C ASP A 314 9.15 -6.07 1.49
N SER A 315 9.65 -5.94 0.25
CA SER A 315 10.80 -6.69 -0.32
C SER A 315 12.08 -5.84 -0.47
N GLY A 316 12.47 -5.02 0.49
CA GLY A 316 13.68 -4.18 0.38
C GLY A 316 13.42 -2.94 -0.47
N MET A 317 14.47 -2.28 -0.99
CA MET A 317 14.34 -0.91 -1.55
C MET A 317 14.16 -0.97 -3.06
N PRO A 318 13.34 -0.07 -3.61
CA PRO A 318 13.30 0.15 -5.04
C PRO A 318 14.64 0.72 -5.49
N VAL A 319 14.86 0.65 -6.79
CA VAL A 319 16.14 1.00 -7.44
C VAL A 319 15.91 1.96 -8.60
N PRO A 320 16.61 3.10 -8.65
CA PRO A 320 16.53 4.01 -9.77
C PRO A 320 16.95 3.23 -11.03
N PHE A 321 16.14 3.28 -12.07
CA PHE A 321 16.38 2.52 -13.31
C PHE A 321 17.54 3.09 -14.14
N ASP A 322 18.52 2.25 -14.46
CA ASP A 322 19.70 2.60 -15.31
C ASP A 322 20.38 3.91 -14.89
N ARG A 323 20.90 3.96 -13.65
CA ARG A 323 21.54 5.17 -13.11
C ARG A 323 22.46 4.72 -12.01
N PRO A 324 23.63 4.15 -12.35
CA PRO A 324 24.56 3.61 -11.37
C PRO A 324 25.12 4.66 -10.39
N GLY A 325 25.38 4.17 -9.18
CA GLY A 325 25.86 4.92 -8.02
C GLY A 325 24.71 5.46 -7.20
N VAL A 326 23.53 5.53 -7.81
CA VAL A 326 22.32 6.20 -7.23
C VAL A 326 21.43 5.15 -6.58
N ARG A 327 21.24 5.23 -5.27
CA ARG A 327 20.31 4.32 -4.58
C ARG A 327 19.14 5.14 -4.02
N TYR A 328 18.00 4.46 -3.87
CA TYR A 328 16.80 4.99 -3.21
C TYR A 328 16.82 4.41 -1.79
N GLU A 329 16.65 5.26 -0.77
CA GLU A 329 16.63 4.84 0.65
C GLU A 329 15.77 5.77 1.49
N ARG A 330 15.59 5.40 2.75
CA ARG A 330 14.98 6.21 3.83
C ARG A 330 13.69 6.84 3.32
N PRO A 331 12.75 6.07 2.72
CA PRO A 331 11.48 6.63 2.28
C PRO A 331 10.53 6.92 3.46
N SER A 332 9.63 7.90 3.26
CA SER A 332 8.49 8.22 4.14
C SER A 332 7.23 8.00 3.31
N ASP A 333 6.07 8.35 3.86
CA ASP A 333 4.74 8.22 3.21
C ASP A 333 4.87 8.66 1.74
N GLU A 334 5.46 9.84 1.52
CA GLU A 334 5.36 10.59 0.25
C GLU A 334 6.74 11.10 -0.19
N HIS A 335 7.85 10.60 0.37
CA HIS A 335 9.22 11.04 0.01
C HIS A 335 10.11 9.83 -0.22
N GLY A 336 10.98 9.89 -1.22
CA GLY A 336 12.13 9.00 -1.34
C GLY A 336 13.41 9.80 -1.41
N CYS A 337 14.46 9.38 -0.71
CA CYS A 337 15.84 9.96 -0.81
C CYS A 337 16.68 9.23 -1.87
N LEU A 338 17.11 9.97 -2.92
CA LEU A 338 18.12 9.50 -3.89
C LEU A 338 19.47 9.98 -3.37
N VAL A 339 20.43 9.07 -3.23
CA VAL A 339 21.79 9.33 -2.67
C VAL A 339 22.83 8.69 -3.60
N ALA A 340 23.95 9.37 -3.80
CA ALA A 340 25.06 8.90 -4.66
C ALA A 340 26.35 9.62 -4.30
N GLU A 341 27.49 8.99 -4.56
CA GLU A 341 28.79 9.64 -4.33
C GLU A 341 28.96 10.83 -5.27
N LEU A 342 28.45 10.74 -6.49
CA LEU A 342 28.74 11.81 -7.48
C LEU A 342 27.54 12.71 -7.69
N ASP A 343 27.62 13.96 -7.22
CA ASP A 343 26.55 15.00 -7.27
C ASP A 343 25.69 14.94 -8.54
N SER A 344 26.29 14.89 -9.74
CA SER A 344 25.49 14.95 -10.99
C SER A 344 24.79 13.63 -11.36
N ALA A 345 25.02 12.55 -10.62
CA ALA A 345 24.33 11.29 -10.92
C ALA A 345 22.87 11.44 -10.52
N LEU A 346 22.66 12.07 -9.36
CA LEU A 346 21.30 12.30 -8.82
C LEU A 346 20.67 13.32 -9.71
N PRO A 347 19.24 13.38 -10.12
CA PRO A 347 18.52 14.35 -10.90
C PRO A 347 18.39 15.65 -10.09
N ASP A 348 18.25 16.78 -10.77
CA ASP A 348 18.14 18.06 -10.03
C ASP A 348 16.68 18.29 -9.65
N LEU A 349 16.39 19.46 -9.06
CA LEU A 349 15.02 19.90 -8.76
C LEU A 349 14.27 19.98 -10.10
N GLY A 350 13.01 19.55 -10.14
CA GLY A 350 12.13 19.67 -11.30
C GLY A 350 12.33 18.56 -12.33
N GLU A 351 13.42 17.79 -12.25
CA GLU A 351 13.70 16.63 -13.14
C GLU A 351 12.95 15.38 -12.65
N LYS A 352 12.46 14.57 -13.60
CA LYS A 352 11.76 13.29 -13.34
C LYS A 352 12.71 12.11 -13.63
N ILE A 353 12.44 10.96 -13.02
CA ILE A 353 13.33 9.77 -13.01
C ILE A 353 12.42 8.53 -13.00
N LEU A 354 12.86 7.42 -13.59
CA LEU A 354 12.13 6.13 -13.53
C LEU A 354 12.69 5.32 -12.37
N ILE A 355 11.81 4.77 -11.53
CA ILE A 355 12.21 3.93 -10.38
C ILE A 355 11.64 2.52 -10.57
N VAL A 356 12.51 1.52 -10.57
CA VAL A 356 12.14 0.06 -10.52
C VAL A 356 11.52 -0.22 -9.15
N PRO A 357 10.28 -0.71 -9.05
CA PRO A 357 9.73 -1.12 -7.75
C PRO A 357 10.46 -2.33 -7.13
N SER A 358 10.42 -2.45 -5.81
CA SER A 358 11.05 -3.61 -5.12
C SER A 358 10.20 -4.88 -5.30
N HIS A 359 8.87 -4.75 -5.40
CA HIS A 359 7.91 -5.89 -5.56
C HIS A 359 6.78 -5.46 -6.50
N VAL A 360 6.64 -6.10 -7.67
CA VAL A 360 5.58 -5.77 -8.67
C VAL A 360 4.22 -5.67 -7.96
N ASP A 361 3.81 -6.72 -7.23
CA ASP A 361 2.38 -6.96 -6.93
C ASP A 361 1.85 -5.82 -6.05
N PRO A 362 2.43 -5.55 -4.86
CA PRO A 362 1.92 -4.47 -4.02
C PRO A 362 2.03 -3.09 -4.70
N THR A 363 2.94 -2.90 -5.67
CA THR A 363 3.11 -1.57 -6.33
C THR A 363 1.91 -1.28 -7.24
N ALA A 364 1.48 -2.23 -8.05
CA ALA A 364 0.30 -2.08 -8.93
C ALA A 364 -0.90 -1.62 -8.09
N ASN A 365 -1.07 -2.20 -6.90
CA ASN A 365 -2.16 -1.90 -5.94
C ASN A 365 -2.07 -0.46 -5.41
N GLN A 366 -1.00 0.29 -5.65
CA GLN A 366 -0.88 1.66 -5.06
C GLN A 366 -1.20 2.74 -6.10
N HIS A 367 -1.59 2.34 -7.32
CA HIS A 367 -1.87 3.27 -8.45
C HIS A 367 -3.21 2.95 -9.10
N ASP A 368 -3.89 3.97 -9.64
CA ASP A 368 -5.22 3.84 -10.27
C ASP A 368 -5.07 3.52 -11.77
N PHE A 369 -3.86 3.66 -12.35
CA PHE A 369 -3.64 3.53 -13.81
C PHE A 369 -2.23 3.05 -14.15
N PHE A 370 -2.11 2.21 -15.18
CA PHE A 370 -0.83 2.03 -15.92
C PHE A 370 -0.82 3.02 -17.09
N ILE A 371 0.27 3.78 -17.20
CA ILE A 371 0.53 4.69 -18.36
C ILE A 371 1.43 3.90 -19.33
N GLY A 372 0.86 3.33 -20.40
CA GLY A 372 1.62 2.59 -21.41
C GLY A 372 2.42 3.54 -22.30
N VAL A 373 3.71 3.32 -22.50
CA VAL A 373 4.60 4.30 -23.19
C VAL A 373 5.44 3.59 -24.24
N ARG A 374 5.43 4.06 -25.50
CA ARG A 374 6.25 3.46 -26.59
C ARG A 374 7.42 4.38 -27.00
N GLY A 375 8.58 3.77 -27.26
CA GLY A 375 9.79 4.45 -27.76
C GLY A 375 10.92 4.51 -26.75
N MET A 376 10.70 4.01 -25.53
CA MET A 376 11.56 4.27 -24.35
C MET A 376 13.02 3.85 -24.59
N ALA A 377 13.34 3.08 -25.63
CA ALA A 377 14.74 2.88 -26.10
C ALA A 377 14.98 3.72 -27.38
N GLY A 381 10.04 8.96 -25.74
CA GLY A 381 8.93 8.04 -25.41
C GLY A 381 7.62 8.78 -25.26
N THR A 382 6.51 8.22 -25.72
CA THR A 382 5.18 8.91 -25.76
C THR A 382 4.06 7.97 -25.31
N VAL A 383 3.02 8.53 -24.68
CA VAL A 383 1.91 7.77 -24.06
C VAL A 383 0.99 7.25 -25.16
N GLN A 384 0.73 5.95 -25.22
CA GLN A 384 -0.17 5.33 -26.22
C GLN A 384 -1.27 4.50 -25.55
N GLU A 385 -1.21 4.27 -24.23
CA GLU A 385 -2.31 3.56 -23.49
C GLU A 385 -2.49 4.15 -22.09
N ILE A 386 -3.75 4.16 -21.63
CA ILE A 386 -4.16 4.48 -20.23
C ILE A 386 -5.11 3.37 -19.78
N TRP A 387 -4.59 2.44 -18.99
CA TRP A 387 -5.38 1.28 -18.51
C TRP A 387 -5.71 1.47 -17.04
N PRO A 388 -7.01 1.46 -16.67
CA PRO A 388 -7.37 1.51 -15.27
C PRO A 388 -6.89 0.24 -14.55
N VAL A 389 -6.39 0.42 -13.32
CA VAL A 389 -6.12 -0.68 -12.35
C VAL A 389 -7.46 -0.96 -11.68
N THR A 390 -8.40 -1.48 -12.46
CA THR A 390 -9.81 -1.64 -12.04
C THR A 390 -9.91 -2.47 -10.76
N ALA A 391 -9.02 -3.45 -10.55
CA ALA A 391 -9.14 -4.41 -9.42
C ALA A 391 -8.59 -3.83 -8.11
N ARG A 392 -7.83 -2.73 -8.15
CA ARG A 392 -7.41 -2.05 -6.89
C ARG A 392 -8.66 -1.90 -6.03
N GLY A 393 -8.67 -2.39 -4.78
CA GLY A 393 -9.77 -2.21 -3.82
C GLY A 393 -10.61 -3.47 -3.69
N CYS A 394 -10.40 -4.47 -4.56
CA CYS A 394 -11.15 -5.75 -4.56
C CYS A 394 -10.42 -6.71 -3.61
N VAL A 395 -10.67 -6.57 -2.32
CA VAL A 395 -9.94 -7.31 -1.26
C VAL A 395 -10.90 -8.30 -0.60
N PHE A 396 -12.17 -8.28 -1.02
CA PHE A 396 -13.33 -9.01 -0.44
C PHE A 396 -13.51 -10.35 -1.15
N ALA B 23 -18.87 -1.18 -0.43
CA ALA B 23 -18.48 -1.00 1.01
C ALA B 23 -18.85 -2.25 1.82
N PRO B 24 -17.97 -2.74 2.70
CA PRO B 24 -18.20 -4.00 3.43
C PRO B 24 -19.20 -4.02 4.59
N ALA B 25 -19.98 -2.97 4.77
CA ALA B 25 -21.00 -2.91 5.84
C ALA B 25 -22.15 -2.00 5.44
N ARG B 26 -23.17 -2.02 6.30
CA ARG B 26 -24.44 -1.24 6.30
C ARG B 26 -24.62 -0.65 7.70
N LEU B 27 -25.29 0.48 7.82
CA LEU B 27 -25.65 1.06 9.14
C LEU B 27 -26.55 0.07 9.88
N GLY B 28 -26.29 -0.22 11.16
CA GLY B 28 -27.16 -0.99 12.05
C GLY B 28 -26.66 -2.41 12.30
N ILE B 29 -25.89 -2.95 11.37
CA ILE B 29 -25.40 -4.35 11.48
C ILE B 29 -24.34 -4.45 12.58
N PRO B 30 -24.17 -5.63 13.19
CA PRO B 30 -23.12 -5.79 14.16
C PRO B 30 -21.77 -5.96 13.43
N LEU B 31 -20.68 -5.79 14.18
CA LEU B 31 -19.30 -5.93 13.63
C LEU B 31 -19.17 -7.31 12.96
N ALA B 32 -19.63 -8.36 13.62
CA ALA B 32 -19.63 -9.75 13.11
C ALA B 32 -20.03 -9.87 11.64
N ASP B 33 -21.06 -9.15 11.20
CA ASP B 33 -21.53 -9.23 9.79
C ASP B 33 -20.71 -8.34 8.86
N VAL B 34 -19.73 -7.59 9.34
CA VAL B 34 -18.94 -6.75 8.40
C VAL B 34 -18.01 -7.66 7.59
N ASP B 35 -17.89 -7.41 6.29
CA ASP B 35 -17.01 -8.15 5.37
C ASP B 35 -15.53 -7.92 5.69
N THR B 36 -14.68 -8.82 5.21
CA THR B 36 -13.23 -8.86 5.54
C THR B 36 -12.41 -8.89 4.25
N PRO B 37 -11.20 -8.29 4.22
CA PRO B 37 -10.67 -7.50 5.34
C PRO B 37 -11.30 -6.10 5.32
N ALA B 38 -11.68 -5.57 6.48
CA ALA B 38 -12.28 -4.22 6.66
C ALA B 38 -11.40 -3.34 7.54
N LEU B 39 -11.51 -2.01 7.40
CA LEU B 39 -10.85 -0.99 8.26
C LEU B 39 -11.88 -0.47 9.25
N ILE B 40 -11.78 -0.91 10.49
CA ILE B 40 -12.71 -0.60 11.59
C ILE B 40 -12.18 0.62 12.36
N LEU B 41 -13.04 1.61 12.59
CA LEU B 41 -12.78 2.70 13.56
C LEU B 41 -13.67 2.48 14.79
N ASP B 42 -13.10 2.24 15.96
CA ASP B 42 -13.86 2.27 17.24
C ASP B 42 -14.27 3.72 17.54
N LEU B 43 -15.50 4.11 17.19
CA LEU B 43 -15.93 5.55 17.25
C LEU B 43 -15.77 6.07 18.68
N ASP B 44 -15.98 5.22 19.70
CA ASP B 44 -15.89 5.63 21.12
C ASP B 44 -14.44 6.01 21.45
N ALA B 45 -13.46 5.10 21.24
CA ALA B 45 -12.03 5.36 21.54
C ALA B 45 -11.52 6.51 20.67
N PHE B 46 -11.94 6.58 19.41
CA PHE B 46 -11.53 7.63 18.44
C PHE B 46 -11.94 9.01 18.98
N GLU B 47 -13.19 9.15 19.44
CA GLU B 47 -13.77 10.42 19.96
C GLU B 47 -13.00 10.81 21.23
N ARG B 48 -12.67 9.86 22.10
CA ARG B 48 -11.82 10.09 23.30
C ARG B 48 -10.45 10.64 22.88
N ASN B 49 -9.83 10.06 21.83
CA ASN B 49 -8.51 10.48 21.29
C ASN B 49 -8.59 11.92 20.78
N LEU B 50 -9.57 12.21 19.93
CA LEU B 50 -9.81 13.58 19.44
C LEU B 50 -9.98 14.52 20.63
N GLN B 51 -10.82 14.18 21.62
CA GLN B 51 -11.13 15.09 22.75
C GLN B 51 -9.83 15.36 23.53
N THR B 52 -9.08 14.30 23.88
CA THR B 52 -7.83 14.37 24.68
C THR B 52 -6.87 15.38 24.02
N MET B 53 -6.62 15.23 22.72
CA MET B 53 -5.63 16.08 22.01
C MET B 53 -6.17 17.50 21.90
N ALA B 54 -7.46 17.64 21.58
CA ALA B 54 -8.11 18.98 21.41
C ALA B 54 -7.99 19.73 22.73
N ASP B 55 -8.35 19.08 23.85
CA ASP B 55 -8.34 19.66 25.22
C ASP B 55 -6.91 20.08 25.55
N TRP B 56 -5.93 19.24 25.21
CA TRP B 56 -4.53 19.47 25.63
C TRP B 56 -3.92 20.66 24.88
N ALA B 57 -4.17 20.78 23.59
CA ALA B 57 -3.62 21.89 22.78
C ALA B 57 -4.17 23.21 23.34
N LYS B 58 -5.47 23.25 23.63
CA LYS B 58 -6.18 24.40 24.27
C LYS B 58 -5.51 24.72 25.59
N SER B 59 -5.30 23.70 26.42
CA SER B 59 -4.66 23.82 27.76
C SER B 59 -3.23 24.42 27.63
N LYS B 60 -2.52 24.23 26.51
CA LYS B 60 -1.11 24.71 26.44
C LYS B 60 -1.03 25.92 25.52
N ASN B 61 -2.17 26.40 25.04
CA ASN B 61 -2.27 27.70 24.34
C ASN B 61 -1.50 27.61 23.02
N VAL B 62 -1.54 26.43 22.40
CA VAL B 62 -1.00 26.22 21.02
C VAL B 62 -2.17 25.85 20.12
N ARG B 63 -2.04 26.15 18.84
CA ARG B 63 -3.02 25.74 17.80
C ARG B 63 -2.77 24.27 17.46
N LEU B 64 -3.83 23.58 17.03
CA LEU B 64 -3.76 22.16 16.58
C LEU B 64 -4.17 22.11 15.12
N ARG B 65 -3.28 21.60 14.26
CA ARG B 65 -3.55 21.35 12.82
C ARG B 65 -3.35 19.88 12.49
N PRO B 66 -4.31 19.00 12.83
CA PRO B 66 -4.12 17.57 12.70
C PRO B 66 -3.80 17.14 11.27
N HIS B 67 -2.94 16.13 11.11
CA HIS B 67 -2.51 15.66 9.77
C HIS B 67 -3.57 14.71 9.22
N ALA B 68 -4.01 14.98 8.00
CA ALA B 68 -5.02 14.23 7.26
C ALA B 68 -4.34 13.21 6.33
N1 LLP B 69 4.04 16.39 10.23
C2 LLP B 69 4.63 15.96 9.11
C2' LLP B 69 5.38 16.94 8.29
C3 LLP B 69 4.50 14.61 8.70
O3 LLP B 69 5.09 14.21 7.56
C4 LLP B 69 3.76 13.70 9.48
C4' LLP B 69 3.63 12.33 9.03
C5 LLP B 69 3.17 14.20 10.68
C6 LLP B 69 3.34 15.52 11.00
C5' LLP B 69 2.33 13.34 11.57
OP4 LLP B 69 2.97 12.11 11.98
P LLP B 69 2.30 11.24 13.16
OP1 LLP B 69 3.47 10.39 13.63
OP2 LLP B 69 1.24 10.44 12.47
OP3 LLP B 69 1.70 12.09 14.22
N LLP B 69 -3.00 13.20 6.26
CA LLP B 69 -2.23 12.18 5.50
CB LLP B 69 -0.74 12.54 5.43
CG LLP B 69 0.13 12.01 6.56
CD LLP B 69 1.62 12.20 6.35
CE LLP B 69 2.46 11.31 7.25
NZ LLP B 69 3.62 12.02 7.78
C LLP B 69 -2.50 10.82 6.13
O LLP B 69 -2.49 9.79 5.40
N SER B 70 -2.85 10.83 7.42
CA SER B 70 -3.06 9.66 8.29
C SER B 70 -4.35 8.90 7.96
N HIS B 71 -5.42 9.56 7.50
CA HIS B 71 -6.74 8.92 7.28
C HIS B 71 -7.29 9.18 5.88
N LYS B 72 -6.91 10.30 5.25
CA LYS B 72 -7.37 10.69 3.90
C LYS B 72 -8.91 10.69 3.86
N CYS B 73 -9.56 11.07 4.96
CA CYS B 73 -11.02 10.84 5.21
C CYS B 73 -11.68 12.15 5.67
N PRO B 74 -12.32 12.89 4.73
CA PRO B 74 -12.95 14.18 5.03
C PRO B 74 -13.82 14.15 6.28
N ALA B 75 -14.57 13.07 6.49
CA ALA B 75 -15.46 12.91 7.67
C ALA B 75 -14.67 13.15 8.97
N ILE B 76 -13.41 12.71 9.01
CA ILE B 76 -12.59 12.73 10.26
C ILE B 76 -12.05 14.14 10.47
N ALA B 77 -11.66 14.78 9.38
CA ALA B 77 -11.22 16.18 9.29
C ALA B 77 -12.32 17.09 9.87
N HIS B 78 -13.61 16.78 9.63
CA HIS B 78 -14.74 17.64 10.06
C HIS B 78 -14.87 17.56 11.57
N ARG B 79 -14.74 16.36 12.14
CA ARG B 79 -14.78 16.15 13.60
C ARG B 79 -13.58 16.82 14.27
N GLN B 80 -12.45 16.94 13.55
CA GLN B 80 -11.23 17.61 14.06
C GLN B 80 -11.51 19.11 14.09
N MET B 81 -12.03 19.64 12.99
CA MET B 81 -12.44 21.07 12.88
C MET B 81 -13.50 21.40 13.93
N ALA B 82 -14.42 20.47 14.14
CA ALA B 82 -15.57 20.60 15.07
C ALA B 82 -15.06 20.78 16.50
N LEU B 83 -13.90 20.21 16.86
CA LEU B 83 -13.29 20.30 18.21
C LEU B 83 -12.28 21.45 18.29
N GLY B 84 -12.20 22.31 17.27
CA GLY B 84 -11.46 23.59 17.36
C GLY B 84 -10.09 23.54 16.71
N ALA B 85 -9.86 22.65 15.73
CA ALA B 85 -8.61 22.67 14.92
C ALA B 85 -8.62 23.91 14.04
N VAL B 86 -7.47 24.53 13.85
CA VAL B 86 -7.32 25.73 12.97
C VAL B 86 -7.43 25.26 11.51
N GLY B 87 -7.09 24.00 11.24
CA GLY B 87 -7.07 23.46 9.87
C GLY B 87 -6.55 22.05 9.86
N VAL B 88 -6.17 21.56 8.68
CA VAL B 88 -5.52 20.22 8.55
C VAL B 88 -4.26 20.43 7.73
N CYS B 89 -3.35 19.45 7.83
CA CYS B 89 -2.17 19.27 6.97
C CYS B 89 -2.52 18.20 5.92
N CYS B 90 -1.91 18.34 4.75
CA CYS B 90 -1.94 17.42 3.59
C CYS B 90 -0.51 17.41 3.07
N GLN B 91 -0.12 16.32 2.40
CA GLN B 91 1.26 16.12 1.87
C GLN B 91 1.26 16.46 0.38
N LYS B 92 0.12 16.39 -0.29
CA LYS B 92 0.03 16.61 -1.76
C LYS B 92 -1.13 17.57 -2.07
N VAL B 93 -0.98 18.31 -3.16
CA VAL B 93 -2.03 19.23 -3.70
C VAL B 93 -3.33 18.44 -3.91
N SER B 94 -3.30 17.30 -4.61
CA SER B 94 -4.53 16.51 -4.86
C SER B 94 -5.19 16.10 -3.53
N GLU B 95 -4.43 15.89 -2.44
CA GLU B 95 -5.08 15.66 -1.12
C GLU B 95 -5.79 16.95 -0.67
N ALA B 96 -5.09 18.08 -0.80
CA ALA B 96 -5.64 19.40 -0.41
C ALA B 96 -6.96 19.62 -1.17
N GLU B 97 -6.93 19.48 -2.51
CA GLU B 97 -8.14 19.56 -3.40
C GLU B 97 -9.29 18.78 -2.77
N VAL B 98 -9.07 17.52 -2.40
CA VAL B 98 -10.17 16.68 -1.84
C VAL B 98 -10.74 17.36 -0.59
N MET B 99 -9.87 17.80 0.32
CA MET B 99 -10.34 18.31 1.64
C MET B 99 -11.18 19.58 1.41
N VAL B 100 -10.78 20.43 0.47
CA VAL B 100 -11.50 21.71 0.18
C VAL B 100 -12.91 21.39 -0.33
N ASP B 101 -13.03 20.55 -1.38
CA ASP B 101 -14.33 20.13 -1.99
C ASP B 101 -15.30 19.53 -0.95
N ALA B 102 -14.81 19.00 0.17
CA ALA B 102 -15.64 18.46 1.28
C ALA B 102 -15.88 19.56 2.33
N GLY B 103 -15.25 20.72 2.14
CA GLY B 103 -15.54 21.96 2.88
C GLY B 103 -14.54 22.26 3.99
N ILE B 104 -13.40 21.57 4.06
CA ILE B 104 -12.37 21.95 5.08
C ILE B 104 -11.47 22.98 4.41
N THR B 105 -11.62 24.25 4.81
CA THR B 105 -11.22 25.46 4.05
C THR B 105 -10.03 26.18 4.71
N ASN B 106 -9.27 25.48 5.54
CA ASN B 106 -7.92 25.92 6.02
C ASN B 106 -7.00 24.70 6.02
N VAL B 107 -6.04 24.68 5.09
CA VAL B 107 -5.28 23.45 4.71
C VAL B 107 -3.85 23.83 4.42
N LEU B 108 -2.90 23.26 5.17
CA LEU B 108 -1.45 23.50 4.96
C LEU B 108 -0.89 22.29 4.22
N ILE B 109 -0.13 22.52 3.17
CA ILE B 109 0.65 21.44 2.53
C ILE B 109 2.00 21.43 3.22
N SER B 110 2.16 20.54 4.21
CA SER B 110 3.36 20.42 5.08
C SER B 110 4.45 19.70 4.29
N ASN B 111 4.84 20.30 3.16
CA ASN B 111 5.66 19.67 2.09
C ASN B 111 5.97 20.73 1.02
N GLU B 112 7.09 20.57 0.31
CA GLU B 112 7.36 21.38 -0.89
C GLU B 112 6.47 20.82 -2.01
N VAL B 113 6.19 21.65 -3.04
CA VAL B 113 5.46 21.25 -4.27
C VAL B 113 6.27 21.73 -5.46
N VAL B 114 6.55 20.83 -6.39
CA VAL B 114 7.29 21.14 -7.65
C VAL B 114 6.53 20.52 -8.83
N GLY B 115 6.39 21.29 -9.92
CA GLY B 115 5.72 20.87 -11.15
C GLY B 115 4.59 21.79 -11.51
N ARG B 116 4.76 22.52 -12.62
CA ARG B 116 3.86 23.62 -13.09
C ARG B 116 2.40 23.23 -12.82
N THR B 117 2.00 22.04 -13.28
CA THR B 117 0.62 21.49 -13.22
C THR B 117 0.14 21.50 -11.77
N LYS B 118 1.01 21.15 -10.81
CA LYS B 118 0.63 21.01 -9.37
C LYS B 118 0.39 22.41 -8.79
N LEU B 119 1.28 23.34 -9.11
CA LEU B 119 1.26 24.78 -8.65
C LEU B 119 0.03 25.51 -9.20
N GLU B 120 -0.32 25.28 -10.47
CA GLU B 120 -1.53 25.84 -11.12
C GLU B 120 -2.77 25.35 -10.37
N ALA B 121 -2.83 24.07 -10.01
CA ALA B 121 -3.99 23.50 -9.26
C ALA B 121 -3.98 24.07 -7.84
N LEU B 122 -2.78 24.33 -7.30
CA LEU B 122 -2.59 24.91 -5.93
C LEU B 122 -3.07 26.38 -5.96
N ALA B 123 -2.65 27.13 -6.98
CA ALA B 123 -3.14 28.50 -7.25
C ALA B 123 -4.68 28.52 -7.24
N GLN B 124 -5.33 27.56 -7.89
CA GLN B 124 -6.82 27.53 -7.97
C GLN B 124 -7.43 27.18 -6.61
N LEU B 125 -6.72 26.41 -5.79
CA LEU B 125 -7.19 26.09 -4.41
C LEU B 125 -7.13 27.37 -3.56
N ALA B 126 -6.07 28.15 -3.74
CA ALA B 126 -5.77 29.39 -2.97
C ALA B 126 -6.93 30.39 -3.05
N LEU B 127 -7.59 30.44 -4.22
CA LEU B 127 -8.74 31.33 -4.52
C LEU B 127 -9.93 31.00 -3.60
N ARG B 128 -10.03 29.72 -3.21
CA ARG B 128 -11.23 29.31 -2.43
C ARG B 128 -10.96 28.77 -1.04
N ALA B 129 -9.74 28.86 -0.52
CA ALA B 129 -9.49 28.43 0.88
C ALA B 129 -8.21 29.06 1.39
N ARG B 130 -8.10 29.18 2.71
CA ARG B 130 -6.86 29.66 3.36
C ARG B 130 -5.82 28.56 3.16
N MET B 131 -4.96 28.69 2.16
CA MET B 131 -3.98 27.61 1.93
C MET B 131 -2.62 28.03 2.45
N GLY B 132 -1.80 27.01 2.70
CA GLY B 132 -0.37 27.14 3.01
C GLY B 132 0.44 26.07 2.29
N VAL B 133 1.71 26.37 2.03
CA VAL B 133 2.70 25.41 1.47
C VAL B 133 4.04 25.71 2.14
N CYS B 134 4.97 24.76 2.11
CA CYS B 134 6.34 24.95 2.61
C CYS B 134 7.27 25.08 1.40
N VAL B 135 8.40 25.73 1.61
CA VAL B 135 9.48 25.84 0.60
C VAL B 135 10.80 25.55 1.32
N ASP B 136 11.78 24.96 0.62
CA ASP B 136 13.19 24.90 1.07
C ASP B 136 14.13 25.41 -0.04
N ASP B 137 13.63 26.10 -1.06
CA ASP B 137 14.45 26.46 -2.25
C ASP B 137 13.89 27.70 -2.95
N ILE B 138 14.77 28.59 -3.38
CA ILE B 138 14.41 29.85 -4.07
C ILE B 138 13.58 29.52 -5.32
N ARG B 139 13.82 28.37 -5.95
CA ARG B 139 13.13 27.94 -7.21
C ARG B 139 11.64 27.69 -6.93
N GLN B 140 11.31 27.02 -5.82
CA GLN B 140 9.90 26.74 -5.44
C GLN B 140 9.21 28.09 -5.21
N ILE B 141 9.94 29.04 -4.63
CA ILE B 141 9.44 30.42 -4.34
C ILE B 141 9.16 31.11 -5.69
N ARG B 142 10.13 31.11 -6.61
CA ARG B 142 9.97 31.64 -7.99
C ARG B 142 8.66 31.12 -8.60
N ASP B 143 8.52 29.79 -8.73
CA ASP B 143 7.43 29.14 -9.50
C ASP B 143 6.09 29.30 -8.75
N LEU B 144 6.12 29.24 -7.43
CA LEU B 144 4.88 29.38 -6.61
C LEU B 144 4.33 30.82 -6.73
N SER B 145 5.18 31.86 -6.66
CA SER B 145 4.79 33.28 -6.84
C SER B 145 4.08 33.45 -8.19
N GLU B 146 4.77 33.04 -9.25
CA GLU B 146 4.26 33.13 -10.63
C GLU B 146 2.85 32.51 -10.73
N ALA B 147 2.66 31.29 -10.24
CA ALA B 147 1.36 30.58 -10.33
C ALA B 147 0.27 31.31 -9.55
N MET B 148 0.59 31.75 -8.34
CA MET B 148 -0.32 32.49 -7.44
C MET B 148 -0.71 33.81 -8.11
N HIS B 149 0.28 34.46 -8.74
CA HIS B 149 0.07 35.75 -9.44
C HIS B 149 -0.90 35.55 -10.58
N ALA B 150 -0.54 34.69 -11.52
CA ALA B 150 -1.35 34.37 -12.70
C ALA B 150 -2.83 34.13 -12.38
N ALA B 151 -3.17 33.44 -11.29
CA ALA B 151 -4.57 33.18 -10.88
C ALA B 151 -5.10 34.33 -10.03
N GLY B 152 -4.27 35.28 -9.62
CA GLY B 152 -4.72 36.39 -8.76
C GLY B 152 -5.10 35.91 -7.37
N ALA B 153 -4.31 35.00 -6.82
CA ALA B 153 -4.54 34.38 -5.50
C ALA B 153 -3.38 34.65 -4.55
N THR B 154 -3.60 34.31 -3.28
CA THR B 154 -2.55 34.45 -2.24
C THR B 154 -2.37 33.13 -1.47
N ILE B 155 -1.14 32.83 -1.05
CA ILE B 155 -0.83 31.62 -0.21
C ILE B 155 0.14 31.99 0.91
N ASP B 156 -0.15 31.51 2.12
CA ASP B 156 0.78 31.55 3.30
C ASP B 156 1.90 30.54 3.04
N VAL B 157 3.16 30.91 3.23
CA VAL B 157 4.32 30.02 2.95
C VAL B 157 5.12 29.85 4.24
N LEU B 158 5.39 28.60 4.63
CA LEU B 158 6.37 28.28 5.72
C LEU B 158 7.71 27.96 5.06
N VAL B 159 8.79 28.44 5.64
CA VAL B 159 10.17 27.99 5.30
C VAL B 159 10.45 26.75 6.15
N GLU B 160 10.88 25.68 5.49
CA GLU B 160 11.13 24.37 6.15
C GLU B 160 12.63 24.27 6.43
N ILE B 161 12.93 23.90 7.66
CA ILE B 161 14.31 23.66 8.17
C ILE B 161 14.46 22.16 8.52
N ASN B 162 15.61 21.60 8.16
CA ASN B 162 16.05 20.24 8.54
C ASN B 162 16.58 20.33 9.97
N ILE B 163 15.92 19.65 10.92
CA ILE B 163 16.28 19.61 12.37
C ILE B 163 16.76 18.21 12.77
N GLY B 164 16.88 17.29 11.82
CA GLY B 164 17.29 15.90 12.11
C GLY B 164 16.62 14.90 11.18
N GLY B 165 15.59 15.33 10.48
CA GLY B 165 14.89 14.46 9.54
C GLY B 165 15.79 14.03 8.41
N ASN B 166 16.65 14.94 7.93
CA ASN B 166 17.61 14.72 6.82
C ASN B 166 16.85 14.38 5.53
N ARG B 167 15.64 14.93 5.39
CA ARG B 167 14.80 14.71 4.19
C ARG B 167 14.75 16.02 3.40
N CYS B 168 13.75 16.86 3.69
CA CYS B 168 13.66 18.19 3.02
C CYS B 168 14.04 19.30 4.00
N GLY B 169 14.01 20.55 3.56
CA GLY B 169 14.37 21.69 4.40
C GLY B 169 15.86 22.03 4.34
N VAL B 170 16.18 23.31 4.50
CA VAL B 170 17.56 23.88 4.52
C VAL B 170 18.08 23.78 5.95
N GLU B 171 19.36 24.12 6.15
CA GLU B 171 20.03 24.08 7.47
C GLU B 171 19.50 25.24 8.31
N PRO B 172 19.31 25.04 9.63
CA PRO B 172 18.86 26.13 10.50
C PRO B 172 19.70 27.42 10.40
N GLY B 173 19.13 28.51 10.90
CA GLY B 173 19.76 29.85 10.93
C GLY B 173 19.70 30.52 9.58
N ASP B 174 20.85 30.79 8.99
CA ASP B 174 21.01 31.81 7.92
C ASP B 174 20.30 31.40 6.63
N PRO B 175 20.44 30.14 6.14
CA PRO B 175 19.79 29.76 4.88
C PRO B 175 18.24 29.92 4.96
N ALA B 176 17.64 29.64 6.12
CA ALA B 176 16.20 29.86 6.37
C ALA B 176 15.89 31.36 6.26
N VAL B 177 16.67 32.19 6.95
CA VAL B 177 16.52 33.68 6.95
C VAL B 177 16.45 34.16 5.49
N ARG B 178 17.34 33.68 4.63
CA ARG B 178 17.44 34.11 3.21
C ARG B 178 16.10 33.76 2.51
N LEU B 179 15.60 32.53 2.69
CA LEU B 179 14.34 32.09 2.03
C LEU B 179 13.17 32.89 2.62
N GLY B 180 13.20 33.21 3.92
CA GLY B 180 12.18 34.05 4.57
C GLY B 180 12.05 35.37 3.84
N ALA B 181 13.19 36.05 3.67
CA ALA B 181 13.29 37.35 2.97
C ALA B 181 12.70 37.24 1.56
N ALA B 182 13.01 36.15 0.82
CA ALA B 182 12.55 35.96 -0.58
C ALA B 182 11.02 35.84 -0.61
N VAL B 183 10.42 35.17 0.38
CA VAL B 183 8.95 34.92 0.42
C VAL B 183 8.20 36.25 0.56
N ALA B 184 8.55 37.06 1.58
CA ALA B 184 8.00 38.41 1.81
C ALA B 184 7.98 39.14 0.46
N GLN B 185 9.15 39.31 -0.15
CA GLN B 185 9.35 40.05 -1.43
C GLN B 185 8.38 39.55 -2.51
N ALA B 186 8.17 38.22 -2.65
CA ALA B 186 7.48 37.60 -3.81
C ALA B 186 5.98 37.83 -3.70
N ASP B 187 5.32 38.00 -4.85
CA ASP B 187 3.87 38.34 -4.94
C ASP B 187 3.05 37.08 -4.72
N GLY B 188 1.86 37.22 -4.13
CA GLY B 188 0.98 36.09 -3.77
C GLY B 188 1.54 35.26 -2.62
N LEU B 189 2.74 35.58 -2.13
CA LEU B 189 3.47 34.83 -1.06
C LEU B 189 3.55 35.66 0.24
N ARG B 190 2.70 35.35 1.23
CA ARG B 190 2.85 35.87 2.62
C ARG B 190 3.80 34.96 3.39
N PHE B 191 4.89 35.50 3.93
CA PHE B 191 5.78 34.73 4.84
C PHE B 191 5.01 34.46 6.15
N ALA B 192 4.74 33.19 6.48
CA ALA B 192 3.91 32.77 7.63
C ALA B 192 4.74 32.09 8.70
N GLY B 193 6.02 31.78 8.44
CA GLY B 193 6.92 31.27 9.48
C GLY B 193 7.66 30.01 9.08
N LEU B 194 7.76 29.06 10.01
CA LEU B 194 8.67 27.90 9.89
C LEU B 194 7.88 26.58 9.97
N GLN B 195 8.30 25.62 9.16
CA GLN B 195 8.03 24.15 9.29
C GLN B 195 9.30 23.49 9.84
N SER B 196 9.18 22.89 11.04
CA SER B 196 10.28 22.21 11.78
C SER B 196 9.79 20.87 12.33
N TYR B 197 10.10 19.79 11.63
CA TYR B 197 9.60 18.42 11.91
C TYR B 197 10.71 17.42 11.60
N ASP B 198 10.88 16.49 12.54
CA ASP B 198 11.75 15.29 12.44
C ASP B 198 10.91 14.02 12.68
N GLY B 199 10.76 13.16 11.66
CA GLY B 199 10.02 11.90 11.74
C GLY B 199 10.74 10.85 12.56
N ILE B 200 12.07 10.91 12.64
CA ILE B 200 12.87 9.93 13.45
C ILE B 200 12.51 10.14 14.93
N THR B 201 12.40 11.39 15.37
CA THR B 201 12.12 11.76 16.79
C THR B 201 10.88 11.01 17.29
N GLN B 202 9.85 10.86 16.45
CA GLN B 202 8.52 10.37 16.87
C GLN B 202 8.61 8.93 17.42
N HIS B 203 9.51 8.08 16.93
CA HIS B 203 9.63 6.65 17.33
C HIS B 203 10.96 6.35 18.02
N VAL B 204 11.66 7.37 18.53
CA VAL B 204 12.73 7.14 19.56
C VAL B 204 12.01 6.48 20.75
N ARG B 205 12.44 5.29 21.17
CA ARG B 205 11.65 4.46 22.12
C ARG B 205 11.77 5.03 23.55
N ASP B 206 12.99 5.38 23.98
CA ASP B 206 13.24 5.88 25.35
C ASP B 206 12.67 7.30 25.45
N PRO B 207 11.75 7.55 26.41
CA PRO B 207 11.08 8.85 26.50
C PRO B 207 12.04 10.01 26.85
N ASP B 208 13.13 9.75 27.60
CA ASP B 208 14.10 10.80 27.99
C ASP B 208 14.93 11.16 26.75
N GLU B 209 15.33 10.14 25.99
CA GLU B 209 16.00 10.26 24.67
C GLU B 209 15.09 11.07 23.71
N ARG B 210 13.79 10.78 23.72
CA ARG B 210 12.83 11.42 22.79
C ARG B 210 12.74 12.92 23.10
N LYS B 211 12.66 13.28 24.38
CA LYS B 211 12.43 14.70 24.80
C LYS B 211 13.72 15.51 24.62
N ALA B 212 14.89 14.89 24.82
CA ALA B 212 16.21 15.53 24.60
C ALA B 212 16.38 15.86 23.12
N ARG B 213 16.04 14.92 22.24
CA ARG B 213 16.08 15.11 20.77
C ARG B 213 15.19 16.29 20.38
N ALA B 214 13.99 16.37 20.97
CA ALA B 214 13.01 17.44 20.67
C ALA B 214 13.48 18.78 21.28
N ALA B 215 14.18 18.76 22.41
CA ALA B 215 14.77 19.98 23.01
C ALA B 215 15.92 20.51 22.13
N ARG B 216 16.84 19.65 21.66
CA ARG B 216 17.90 20.08 20.68
C ARG B 216 17.26 20.72 19.45
N ALA B 217 16.12 20.21 19.00
CA ALA B 217 15.40 20.73 17.82
C ALA B 217 14.71 22.05 18.20
N GLY B 218 14.18 22.13 19.43
CA GLY B 218 13.65 23.38 20.00
C GLY B 218 14.66 24.52 19.91
N ASP B 219 15.93 24.25 20.24
CA ASP B 219 16.99 25.28 20.42
C ASP B 219 17.39 25.85 19.06
N VAL B 220 17.56 24.95 18.10
CA VAL B 220 18.02 25.29 16.72
C VAL B 220 16.88 25.97 15.96
N THR B 221 15.62 25.61 16.26
CA THR B 221 14.41 26.25 15.71
C THR B 221 14.22 27.64 16.36
N ALA B 222 14.55 27.79 17.65
CA ALA B 222 14.48 29.10 18.37
C ALA B 222 15.49 30.08 17.77
N GLN B 223 16.72 29.63 17.47
CA GLN B 223 17.81 30.42 16.84
C GLN B 223 17.35 30.92 15.47
N THR B 224 16.56 30.11 14.74
CA THR B 224 16.10 30.48 13.38
C THR B 224 15.00 31.52 13.51
N ILE B 225 14.15 31.41 14.53
CA ILE B 225 13.10 32.42 14.85
C ILE B 225 13.77 33.77 15.15
N ALA B 226 14.78 33.79 16.04
CA ALA B 226 15.49 35.01 16.51
C ALA B 226 16.23 35.69 15.34
N ALA B 227 16.95 34.92 14.52
CA ALA B 227 17.69 35.46 13.32
C ALA B 227 16.72 35.96 12.24
N LEU B 228 15.47 35.43 12.18
CA LEU B 228 14.42 35.99 11.28
C LEU B 228 13.86 37.28 11.91
N ARG B 229 13.79 37.35 13.24
CA ARG B 229 13.33 38.56 13.95
C ARG B 229 14.29 39.71 13.64
N ASP B 230 15.59 39.45 13.59
CA ASP B 230 16.65 40.48 13.34
C ASP B 230 16.55 41.11 11.94
N ILE B 231 15.67 40.64 11.04
CA ILE B 231 15.45 41.30 9.70
C ILE B 231 13.98 41.69 9.55
N GLY B 232 13.22 41.79 10.65
CA GLY B 232 11.84 42.32 10.66
C GLY B 232 10.80 41.27 10.29
N LEU B 233 11.15 39.98 10.37
CA LEU B 233 10.23 38.88 10.02
C LEU B 233 9.87 38.09 11.28
N GLU B 234 8.58 38.11 11.60
CA GLU B 234 7.94 37.32 12.67
C GLU B 234 7.42 36.02 12.05
N CYS B 235 7.34 34.99 12.88
CA CYS B 235 6.78 33.66 12.50
C CYS B 235 5.38 33.54 13.11
N GLU B 236 4.34 33.82 12.34
CA GLU B 236 2.93 33.63 12.80
C GLU B 236 2.73 32.15 13.12
N THR B 237 3.31 31.27 12.29
CA THR B 237 3.27 29.80 12.50
C THR B 237 4.70 29.26 12.68
N VAL B 238 4.84 28.46 13.72
CA VAL B 238 6.01 27.60 13.93
C VAL B 238 5.38 26.20 13.94
N GLY B 239 5.29 25.61 12.74
CA GLY B 239 4.68 24.31 12.48
C GLY B 239 5.61 23.14 12.65
N GLY B 240 5.04 22.02 13.04
CA GLY B 240 5.80 20.79 13.23
C GLY B 240 5.09 19.86 14.17
N ALA B 241 5.85 18.89 14.69
CA ALA B 241 5.47 17.84 15.66
C ALA B 241 4.58 16.72 15.09
N GLY B 242 4.81 15.53 15.63
CA GLY B 242 4.01 14.33 15.38
C GLY B 242 3.45 13.79 16.68
N THR B 243 2.84 12.62 16.64
CA THR B 243 2.24 11.97 17.84
C THR B 243 3.31 11.67 18.90
N GLY B 244 4.56 11.50 18.50
CA GLY B 244 5.68 11.20 19.42
C GLY B 244 6.19 12.43 20.12
N SER B 245 6.23 13.58 19.43
CA SER B 245 6.93 14.82 19.87
C SER B 245 5.99 15.97 20.31
N PHE B 246 4.67 15.89 20.10
CA PHE B 246 3.74 17.05 20.18
C PHE B 246 3.69 17.67 21.60
N ALA B 247 3.76 16.88 22.66
CA ALA B 247 3.73 17.37 24.05
C ALA B 247 5.01 18.18 24.36
N PHE B 248 6.20 17.66 24.00
CA PHE B 248 7.52 18.34 24.21
C PHE B 248 7.55 19.65 23.39
N ASP B 249 7.28 19.55 22.09
CA ASP B 249 7.24 20.69 21.13
C ASP B 249 6.20 21.72 21.60
N GLY B 250 5.04 21.25 22.06
CA GLY B 250 3.91 22.09 22.50
C GLY B 250 4.22 22.87 23.77
N MET B 251 5.02 22.30 24.65
CA MET B 251 5.34 22.91 25.97
C MET B 251 6.68 23.65 25.87
N SER B 252 7.39 23.54 24.75
CA SER B 252 8.75 24.13 24.55
C SER B 252 8.66 25.66 24.51
N GLY B 253 7.52 26.20 24.05
CA GLY B 253 7.33 27.64 23.81
C GLY B 253 7.97 28.06 22.50
N VAL B 254 8.24 27.11 21.60
CA VAL B 254 8.85 27.35 20.27
C VAL B 254 7.79 27.07 19.20
N TRP B 255 7.26 25.84 19.14
CA TRP B 255 6.14 25.45 18.23
C TRP B 255 4.85 26.08 18.74
N ASN B 256 3.96 26.50 17.83
CA ASN B 256 2.62 27.02 18.21
C ASN B 256 1.53 26.37 17.36
N GLU B 257 1.85 25.47 16.43
CA GLU B 257 0.83 24.82 15.60
C GLU B 257 1.25 23.37 15.38
N LEU B 258 0.76 22.51 16.25
CA LEU B 258 1.11 21.08 16.25
C LEU B 258 0.43 20.35 15.09
N GLN B 259 1.12 19.39 14.50
CA GLN B 259 0.59 18.61 13.37
C GLN B 259 0.42 17.11 13.67
N PRO B 260 0.05 16.59 14.85
CA PRO B 260 -0.06 15.15 15.01
C PRO B 260 -1.18 14.56 14.12
N GLY B 261 -0.98 13.33 13.66
CA GLY B 261 -1.99 12.66 12.83
C GLY B 261 -2.42 11.31 13.37
N SER B 262 -1.47 10.49 13.81
CA SER B 262 -1.67 9.11 14.29
C SER B 262 -2.41 9.04 15.63
N TYR B 263 -2.40 10.12 16.39
CA TYR B 263 -3.00 10.20 17.75
C TYR B 263 -4.46 9.70 17.81
N ALA B 264 -5.26 9.88 16.75
CA ALA B 264 -6.69 9.58 16.75
C ALA B 264 -6.90 8.09 16.58
N PHE B 265 -5.91 7.45 15.98
CA PHE B 265 -6.02 6.04 15.57
C PHE B 265 -5.18 5.12 16.43
N MET B 266 -3.87 5.34 16.40
CA MET B 266 -2.78 4.58 17.07
C MET B 266 -2.45 3.30 16.27
N ASP B 267 -1.22 2.84 16.42
CA ASP B 267 -0.74 1.65 15.69
C ASP B 267 0.23 0.87 16.59
N ALA B 268 0.82 -0.18 16.05
CA ALA B 268 1.76 -1.00 16.83
C ALA B 268 3.10 -0.28 17.02
N ASP B 269 3.52 0.52 16.06
CA ASP B 269 4.85 1.22 16.10
C ASP B 269 4.84 2.19 17.28
N TYR B 270 3.77 2.99 17.43
CA TYR B 270 3.62 3.95 18.55
C TYR B 270 3.45 3.20 19.88
N ALA B 271 2.78 2.06 19.90
CA ALA B 271 2.58 1.23 21.12
C ALA B 271 3.94 0.75 21.66
N ARG B 272 4.99 0.69 20.83
CA ARG B 272 6.35 0.21 21.21
C ARG B 272 7.14 1.33 21.88
N ASN B 273 6.76 2.59 21.67
CA ASN B 273 7.37 3.76 22.37
C ASN B 273 7.20 3.54 23.88
N THR B 274 8.27 3.60 24.68
CA THR B 274 8.15 3.68 26.15
C THR B 274 7.45 5.02 26.49
N PRO B 275 6.32 5.00 27.23
CA PRO B 275 5.55 6.24 27.42
C PRO B 275 6.27 7.16 28.43
N ALA B 276 6.09 8.47 28.22
CA ALA B 276 6.64 9.49 29.12
C ALA B 276 5.69 9.69 30.32
N GLY B 277 5.91 10.76 31.08
CA GLY B 277 5.13 11.00 32.30
C GLY B 277 3.69 11.45 32.11
N GLY B 278 3.11 11.96 33.19
CA GLY B 278 1.71 12.38 33.16
C GLY B 278 1.48 13.71 32.46
N ASP B 279 2.52 14.44 32.11
CA ASP B 279 2.37 15.70 31.34
C ASP B 279 2.18 15.39 29.84
N VAL B 280 2.39 14.16 29.40
CA VAL B 280 2.19 13.72 27.99
C VAL B 280 0.94 12.87 27.92
N PRO B 281 -0.13 13.31 27.24
CA PRO B 281 -1.36 12.53 27.13
C PRO B 281 -1.25 11.17 26.42
N LYS B 282 -2.02 10.20 26.87
CA LYS B 282 -2.08 8.86 26.25
C LYS B 282 -3.28 8.79 25.32
N PHE B 283 -3.17 7.95 24.30
CA PHE B 283 -4.21 7.66 23.28
C PHE B 283 -4.45 6.14 23.24
N GLU B 284 -5.68 5.75 22.93
CA GLU B 284 -6.17 4.35 22.83
C GLU B 284 -6.09 3.89 21.37
N HIS B 285 -6.01 2.58 21.14
CA HIS B 285 -6.19 1.97 19.80
C HIS B 285 -7.64 2.15 19.37
N ALA B 286 -7.88 2.83 18.24
CA ALA B 286 -9.22 3.09 17.69
C ALA B 286 -9.33 2.55 16.27
N MET B 287 -8.20 2.19 15.63
CA MET B 287 -8.12 1.71 14.24
C MET B 287 -7.67 0.24 14.23
N PHE B 288 -8.36 -0.61 13.47
CA PHE B 288 -8.09 -2.06 13.38
C PHE B 288 -8.30 -2.55 11.96
N VAL B 289 -7.76 -3.72 11.64
CA VAL B 289 -8.19 -4.44 10.41
C VAL B 289 -8.96 -5.69 10.87
N TRP B 290 -10.18 -5.80 10.35
CA TRP B 290 -11.18 -6.87 10.60
C TRP B 290 -10.95 -7.93 9.54
N ALA B 291 -10.53 -9.14 9.95
CA ALA B 291 -10.09 -10.22 9.04
C ALA B 291 -10.72 -11.57 9.46
N ILE B 292 -11.05 -12.40 8.46
CA ILE B 292 -11.59 -13.77 8.63
C ILE B 292 -10.44 -14.78 8.47
N VAL B 293 -10.39 -15.78 9.34
CA VAL B 293 -9.52 -16.98 9.18
C VAL B 293 -10.09 -17.82 8.03
N MET B 294 -9.39 -17.91 6.89
CA MET B 294 -9.90 -18.63 5.70
C MET B 294 -9.06 -19.86 5.41
N SER B 295 -8.21 -20.27 6.35
CA SER B 295 -7.48 -21.56 6.32
C SER B 295 -6.99 -21.86 7.73
N ARG B 296 -7.32 -23.06 8.23
CA ARG B 296 -6.97 -23.50 9.61
C ARG B 296 -6.61 -24.99 9.47
N THR B 297 -5.49 -25.21 8.79
CA THR B 297 -5.05 -26.48 8.20
C THR B 297 -4.27 -27.25 9.25
N SER B 298 -3.47 -26.54 10.04
CA SER B 298 -2.56 -27.10 11.06
C SER B 298 -2.92 -26.56 12.46
N VAL B 299 -2.31 -27.14 13.49
CA VAL B 299 -2.42 -26.70 14.91
C VAL B 299 -1.25 -25.75 15.17
N GLY B 300 -1.53 -24.61 15.83
CA GLY B 300 -0.55 -23.53 16.07
C GLY B 300 -0.45 -22.52 14.93
N GLN B 301 -1.36 -22.57 13.95
CA GLN B 301 -1.46 -21.62 12.81
C GLN B 301 -2.90 -21.46 12.32
N ALA B 302 -3.31 -20.20 12.14
CA ALA B 302 -4.54 -19.82 11.43
C ALA B 302 -4.18 -18.71 10.44
N VAL B 303 -4.73 -18.77 9.23
CA VAL B 303 -4.40 -17.80 8.15
C VAL B 303 -5.63 -16.93 7.90
N VAL B 304 -5.44 -15.62 7.90
CA VAL B 304 -6.53 -14.61 7.72
C VAL B 304 -6.41 -14.03 6.31
N ASP B 305 -7.42 -13.29 5.87
CA ASP B 305 -7.48 -12.75 4.49
C ASP B 305 -6.91 -11.33 4.44
N ALA B 306 -6.26 -10.88 5.51
CA ALA B 306 -5.49 -9.61 5.57
C ALA B 306 -3.98 -9.88 5.44
N GLY B 307 -3.45 -9.72 4.22
CA GLY B 307 -1.99 -9.76 3.98
C GLY B 307 -1.41 -8.36 4.00
N HIS B 308 -0.24 -8.14 3.39
CA HIS B 308 0.44 -6.82 3.41
C HIS B 308 -0.17 -5.83 2.41
N LYS B 309 -1.10 -6.23 1.54
CA LYS B 309 -1.80 -5.26 0.65
C LYS B 309 -2.83 -4.47 1.47
N VAL B 310 -3.31 -4.96 2.60
CA VAL B 310 -4.25 -4.22 3.49
C VAL B 310 -3.60 -3.89 4.85
N LEU B 311 -2.45 -4.50 5.16
CA LEU B 311 -1.63 -4.21 6.37
C LEU B 311 -0.18 -3.99 5.98
N PRO B 312 0.21 -2.79 5.49
CA PRO B 312 1.58 -2.57 5.03
C PRO B 312 2.55 -2.78 6.21
N ILE B 313 3.76 -3.24 5.90
CA ILE B 313 4.76 -3.68 6.91
C ILE B 313 6.07 -2.85 6.85
N ASP B 314 6.06 -1.69 6.18
CA ASP B 314 7.16 -0.68 6.24
C ASP B 314 7.67 -0.51 7.68
N SER B 315 6.78 -0.46 8.67
CA SER B 315 7.11 -0.24 10.12
C SER B 315 7.22 -1.55 10.93
N GLY B 316 7.08 -2.72 10.30
CA GLY B 316 7.17 -4.03 11.01
C GLY B 316 5.81 -4.72 11.06
N MET B 317 5.56 -5.53 12.09
CA MET B 317 4.44 -6.52 12.07
C MET B 317 3.19 -5.94 12.73
N PRO B 318 2.00 -6.09 12.09
CA PRO B 318 0.74 -5.86 12.78
C PRO B 318 0.60 -6.78 14.00
N VAL B 319 -0.25 -6.41 14.94
CA VAL B 319 -0.42 -7.18 16.21
C VAL B 319 -1.90 -7.47 16.41
N PRO B 320 -2.33 -8.73 16.56
CA PRO B 320 -3.72 -9.06 16.83
C PRO B 320 -4.14 -8.33 18.13
N PHE B 321 -5.29 -7.68 18.08
CA PHE B 321 -5.78 -6.83 19.18
C PHE B 321 -6.22 -7.62 20.40
N ASP B 322 -5.76 -7.20 21.59
CA ASP B 322 -6.08 -7.77 22.93
C ASP B 322 -6.32 -9.29 22.93
N ARG B 323 -5.35 -10.04 22.43
CA ARG B 323 -5.44 -11.51 22.31
C ARG B 323 -4.03 -12.05 22.47
N PRO B 324 -3.52 -12.16 23.71
CA PRO B 324 -2.12 -12.48 23.95
C PRO B 324 -1.74 -13.92 23.59
N GLY B 325 -0.45 -14.13 23.36
CA GLY B 325 0.09 -15.43 22.95
C GLY B 325 -0.05 -15.62 21.45
N VAL B 326 -0.82 -14.76 20.79
CA VAL B 326 -1.11 -14.82 19.34
C VAL B 326 -0.36 -13.71 18.62
N ARG B 327 0.54 -14.08 17.71
CA ARG B 327 1.32 -13.13 16.87
C ARG B 327 0.81 -13.20 15.43
N TYR B 328 1.06 -12.15 14.65
CA TYR B 328 0.82 -12.07 13.18
C TYR B 328 2.20 -12.03 12.53
N GLU B 329 2.46 -12.95 11.60
CA GLU B 329 3.77 -13.06 10.93
C GLU B 329 3.58 -13.59 9.51
N ARG B 330 4.71 -13.65 8.80
CA ARG B 330 4.97 -14.15 7.43
C ARG B 330 3.77 -13.81 6.55
N PRO B 331 3.44 -12.51 6.38
CA PRO B 331 2.41 -12.12 5.42
C PRO B 331 2.88 -12.25 3.96
N SER B 332 2.01 -12.78 3.11
CA SER B 332 2.00 -12.53 1.65
C SER B 332 1.02 -11.39 1.33
N ASP B 333 0.79 -11.15 0.04
CA ASP B 333 -0.16 -10.16 -0.55
C ASP B 333 -1.49 -10.19 0.19
N GLU B 334 -2.10 -11.37 0.29
CA GLU B 334 -3.54 -11.52 0.59
C GLU B 334 -3.72 -12.48 1.77
N HIS B 335 -2.63 -12.85 2.48
CA HIS B 335 -2.62 -13.76 3.65
C HIS B 335 -1.75 -13.18 4.78
N GLY B 336 -2.21 -13.34 6.02
CA GLY B 336 -1.42 -13.20 7.25
C GLY B 336 -1.48 -14.48 8.06
N CYS B 337 -0.37 -14.89 8.68
CA CYS B 337 -0.34 -16.09 9.55
C CYS B 337 -0.47 -15.62 11.00
N LEU B 338 -1.56 -16.00 11.69
CA LEU B 338 -1.64 -16.00 13.17
C LEU B 338 -0.97 -17.26 13.70
N VAL B 339 -0.03 -17.11 14.61
CA VAL B 339 0.71 -18.22 15.25
C VAL B 339 0.52 -18.07 16.75
N ALA B 340 0.39 -19.20 17.45
CA ALA B 340 0.29 -19.29 18.92
C ALA B 340 1.00 -20.57 19.35
N GLU B 341 1.48 -20.62 20.58
CA GLU B 341 2.10 -21.85 21.13
C GLU B 341 1.01 -22.70 21.78
N LEU B 342 -0.20 -22.15 21.91
CA LEU B 342 -1.39 -22.84 22.49
C LEU B 342 -2.54 -22.71 21.48
N ASP B 343 -2.78 -23.77 20.71
CA ASP B 343 -3.81 -23.82 19.63
C ASP B 343 -5.15 -23.14 20.00
N SER B 344 -5.69 -23.38 21.21
CA SER B 344 -7.02 -22.82 21.55
C SER B 344 -7.07 -21.28 21.53
N ALA B 345 -5.94 -20.59 21.77
CA ALA B 345 -5.83 -19.11 21.74
C ALA B 345 -6.14 -18.58 20.35
N LEU B 346 -5.77 -19.34 19.31
CA LEU B 346 -6.04 -18.97 17.90
C LEU B 346 -7.54 -19.03 17.63
N PRO B 347 -8.05 -18.19 16.73
CA PRO B 347 -9.43 -18.26 16.28
C PRO B 347 -9.54 -19.39 15.25
N ASP B 348 -10.76 -19.83 14.95
CA ASP B 348 -10.96 -21.01 14.08
C ASP B 348 -11.42 -20.55 12.71
N LEU B 349 -11.43 -21.51 11.78
CA LEU B 349 -11.83 -21.24 10.39
C LEU B 349 -13.16 -20.48 10.45
N GLY B 350 -13.24 -19.32 9.79
CA GLY B 350 -14.49 -18.55 9.65
C GLY B 350 -14.76 -17.62 10.84
N GLU B 351 -14.00 -17.69 11.93
CA GLU B 351 -14.04 -16.65 13.00
C GLU B 351 -13.34 -15.39 12.47
N LYS B 352 -13.84 -14.20 12.85
CA LYS B 352 -13.25 -12.89 12.45
C LYS B 352 -12.48 -12.33 13.66
N ILE B 353 -11.41 -11.56 13.39
CA ILE B 353 -10.43 -11.08 14.41
C ILE B 353 -10.06 -9.63 14.11
N LEU B 354 -9.72 -8.86 15.14
CA LEU B 354 -9.28 -7.45 15.01
C LEU B 354 -7.75 -7.40 15.02
N ILE B 355 -7.15 -6.78 14.01
CA ILE B 355 -5.68 -6.58 13.97
C ILE B 355 -5.36 -5.08 14.06
N VAL B 356 -4.51 -4.71 15.02
CA VAL B 356 -3.91 -3.37 15.09
C VAL B 356 -2.86 -3.29 13.96
N PRO B 357 -2.97 -2.30 13.05
CA PRO B 357 -1.95 -2.08 12.02
C PRO B 357 -0.59 -1.69 12.62
N SER B 358 0.50 -1.92 11.90
CA SER B 358 1.83 -1.47 12.37
C SER B 358 1.92 0.06 12.23
N HIS B 359 1.32 0.63 11.20
CA HIS B 359 1.51 2.06 10.87
C HIS B 359 0.19 2.62 10.36
N VAL B 360 -0.39 3.58 11.09
CA VAL B 360 -1.68 4.22 10.72
C VAL B 360 -1.68 4.62 9.24
N ASP B 361 -0.68 5.38 8.78
CA ASP B 361 -0.83 6.24 7.58
C ASP B 361 -0.95 5.38 6.32
N PRO B 362 0.00 4.48 6.03
CA PRO B 362 -0.10 3.66 4.82
C PRO B 362 -1.25 2.63 4.89
N THR B 363 -1.63 2.21 6.10
CA THR B 363 -2.79 1.32 6.33
C THR B 363 -4.06 1.98 5.80
N ALA B 364 -4.41 3.19 6.28
CA ALA B 364 -5.59 3.96 5.79
C ALA B 364 -5.58 3.94 4.26
N ASN B 365 -4.43 4.16 3.64
CA ASN B 365 -4.31 4.31 2.15
C ASN B 365 -4.61 3.00 1.42
N GLN B 366 -4.87 1.90 2.14
CA GLN B 366 -5.10 0.56 1.54
C GLN B 366 -6.59 0.20 1.58
N HIS B 367 -7.45 1.11 2.06
CA HIS B 367 -8.90 0.86 2.24
C HIS B 367 -9.70 2.01 1.64
N ASP B 368 -10.95 1.74 1.28
CA ASP B 368 -11.84 2.72 0.58
C ASP B 368 -12.81 3.33 1.60
N PHE B 369 -12.93 2.74 2.78
CA PHE B 369 -13.90 3.14 3.81
C PHE B 369 -13.31 2.92 5.19
N PHE B 370 -13.62 3.81 6.12
CA PHE B 370 -13.59 3.57 7.58
C PHE B 370 -14.98 3.11 7.99
N ILE B 371 -15.04 1.99 8.69
CA ILE B 371 -16.28 1.45 9.28
C ILE B 371 -16.32 1.86 10.74
N GLY B 372 -17.05 2.95 11.03
CA GLY B 372 -17.27 3.42 12.42
C GLY B 372 -18.18 2.47 13.17
N VAL B 373 -17.80 2.06 14.37
CA VAL B 373 -18.46 0.97 15.13
C VAL B 373 -18.56 1.44 16.58
N ARG B 374 -19.79 1.53 17.11
CA ARG B 374 -20.08 2.00 18.49
C ARG B 374 -20.31 0.77 19.37
N GLY B 375 -19.99 0.85 20.65
CA GLY B 375 -20.33 -0.19 21.65
C GLY B 375 -19.33 -1.34 21.69
N MET B 376 -18.15 -1.17 21.09
CA MET B 376 -17.06 -2.18 21.08
C MET B 376 -16.58 -2.47 22.51
N ALA B 377 -16.72 -1.51 23.44
CA ALA B 377 -16.42 -1.71 24.87
C ALA B 377 -17.69 -2.19 25.59
N GLY B 381 -20.29 -4.76 19.69
CA GLY B 381 -20.31 -3.51 18.90
C GLY B 381 -21.17 -3.62 17.65
N THR B 382 -21.75 -2.51 17.18
CA THR B 382 -22.60 -2.42 15.95
C THR B 382 -22.18 -1.20 15.14
N VAL B 383 -22.46 -1.18 13.82
CA VAL B 383 -21.97 -0.15 12.85
C VAL B 383 -22.89 1.08 12.87
N GLN B 384 -22.32 2.30 13.00
CA GLN B 384 -23.07 3.61 12.93
C GLN B 384 -22.52 4.57 11.87
N GLU B 385 -21.32 4.37 11.32
CA GLU B 385 -20.77 5.29 10.29
C GLU B 385 -20.00 4.48 9.27
N ILE B 386 -19.96 5.00 8.05
CA ILE B 386 -19.24 4.45 6.89
C ILE B 386 -18.64 5.65 6.17
N TRP B 387 -17.36 5.92 6.32
CA TRP B 387 -16.72 7.19 5.90
C TRP B 387 -15.76 6.91 4.76
N PRO B 388 -16.05 7.35 3.54
CA PRO B 388 -15.15 7.06 2.42
C PRO B 388 -13.72 7.62 2.61
N VAL B 389 -12.70 6.83 2.23
CA VAL B 389 -11.27 7.26 2.28
C VAL B 389 -11.01 8.00 0.97
N THR B 390 -11.58 9.21 0.87
CA THR B 390 -11.78 9.94 -0.41
C THR B 390 -10.42 10.38 -0.96
N ALA B 391 -9.39 10.54 -0.12
CA ALA B 391 -8.08 11.04 -0.58
C ALA B 391 -7.16 9.88 -0.97
N ARG B 392 -7.61 8.63 -0.88
CA ARG B 392 -6.86 7.51 -1.47
C ARG B 392 -6.67 7.79 -2.98
N GLY B 393 -5.47 7.59 -3.50
CA GLY B 393 -5.21 7.87 -4.91
C GLY B 393 -4.63 9.24 -5.12
N CYS B 394 -4.72 10.13 -4.11
CA CYS B 394 -4.31 11.55 -4.29
C CYS B 394 -2.82 11.66 -4.01
N VAL B 395 -2.01 11.34 -5.02
CA VAL B 395 -0.52 11.31 -4.89
C VAL B 395 0.09 12.45 -5.70
N PHE B 396 -0.69 13.05 -6.60
CA PHE B 396 -0.28 14.16 -7.52
C PHE B 396 -0.40 15.51 -6.78
#